data_2E32
#
_entry.id   2E32
#
_cell.length_a   65.942
_cell.length_b   109.816
_cell.length_c   153.040
_cell.angle_alpha   90.00
_cell.angle_beta   90.00
_cell.angle_gamma   90.00
#
_symmetry.space_group_name_H-M   'P 21 21 21'
#
loop_
_entity.id
_entity.type
_entity.pdbx_description
1 polymer 'F-box only protein 2'
2 polymer 'S-phase kinase-associated protein 1A'
#
loop_
_entity_poly.entity_id
_entity_poly.type
_entity_poly.pdbx_seq_one_letter_code
_entity_poly.pdbx_strand_id
1 'polypeptide(L)'
;MDGDGDPESVSHPEEASPEEQPEEAGAEASAEEEQLREAEEEEEAEAVEYLAELPEPLLLRVLAELPATELVQACRLVCL
RWKELVDGAPLWLLKCQQEGLVPEGSADEERDHWQQFYFLSKRRRNLLRNPCGEEDLEGWSDVEHGGDGWKVEELPGDNG
VEFTQDDSVKKYFASSFEWCRKAQVIDLQAEGYWEELLDTTQPAIVVKDWYSGRTDAGSLYELTVRLLSENEDVLAEFAT
GQVAVPEDGSWMEISHTFIDYGPGVRFVRFEHGGQDSVYWKGWFGARVTNSSVWVEP
;
A,C
2 'polypeptide(L)'
;GPHMPSIKLQSSDGEIFEVDVEIAKQSVTIKTMLEDLGMDDEGDDDPVPLPNVNAAILKKVIQWCTHHKDDPPPPEDDEN
KEKRTDDIPVWDQEFLKVDQGTLFELILAANYLDIKGLLDVTCKTVANMIKGKTPEEIRKTFNIKNDFTEEEEAQVRKEN
QWCEEK
;
B,D
#
# COMPACT_ATOMS: atom_id res chain seq x y z
N GLU A 49 -1.92 20.87 19.40
CA GLU A 49 -3.36 20.49 19.31
C GLU A 49 -3.72 19.54 20.43
N TYR A 50 -3.78 18.24 20.13
CA TYR A 50 -3.90 17.13 21.14
C TYR A 50 -2.55 16.42 21.29
N LEU A 51 -1.80 16.52 20.19
CA LEU A 51 -0.70 15.67 19.92
C LEU A 51 0.13 15.73 21.16
N ALA A 52 0.95 16.77 21.25
CA ALA A 52 1.95 16.94 22.32
C ALA A 52 1.30 16.90 23.75
N GLU A 53 0.17 16.22 23.87
CA GLU A 53 -0.50 16.04 25.15
C GLU A 53 -1.07 14.65 25.06
N LEU A 54 -0.16 13.69 25.19
CA LEU A 54 -0.35 12.27 24.83
C LEU A 54 0.90 11.50 25.32
N PRO A 55 0.73 10.41 26.10
CA PRO A 55 1.82 10.11 27.05
C PRO A 55 3.06 9.68 26.33
N GLU A 56 4.22 10.14 26.81
CA GLU A 56 5.48 9.92 26.14
C GLU A 56 5.49 8.60 25.36
N PRO A 57 5.29 7.47 26.02
CA PRO A 57 5.34 6.15 25.36
C PRO A 57 4.72 6.02 23.99
N LEU A 58 3.60 6.70 23.77
CA LEU A 58 2.89 6.59 22.48
C LEU A 58 3.58 7.46 21.51
N LEU A 59 3.94 8.66 21.96
CA LEU A 59 4.65 9.54 21.09
C LEU A 59 5.86 8.82 20.55
N LEU A 60 6.48 7.98 21.35
CA LEU A 60 7.57 7.23 20.82
C LEU A 60 7.07 6.36 19.70
N ARG A 61 6.03 5.59 19.98
CA ARG A 61 5.56 4.62 19.00
C ARG A 61 5.42 5.24 17.64
N VAL A 62 4.80 6.42 17.59
CA VAL A 62 4.65 7.23 16.38
C VAL A 62 5.99 7.57 15.86
N LEU A 63 6.78 8.17 16.70
CA LEU A 63 8.03 8.58 16.23
C LEU A 63 8.80 7.37 15.78
N ALA A 64 8.79 6.31 16.59
CA ALA A 64 9.49 5.09 16.24
C ALA A 64 9.44 4.79 14.75
N GLU A 65 8.39 5.27 14.08
CA GLU A 65 7.93 4.81 12.77
C GLU A 65 8.64 5.49 11.67
N LEU A 66 9.49 6.44 11.99
CA LEU A 66 10.13 7.18 10.92
C LEU A 66 11.58 6.83 10.71
N PRO A 67 12.03 6.96 9.46
CA PRO A 67 13.39 7.02 8.98
C PRO A 67 14.26 7.85 9.88
N ALA A 68 15.26 7.22 10.50
CA ALA A 68 16.23 7.92 11.34
C ALA A 68 16.82 9.19 10.67
N THR A 69 17.25 9.07 9.42
CA THR A 69 17.52 10.26 8.60
C THR A 69 16.59 11.35 9.10
N GLU A 70 15.26 11.13 9.06
CA GLU A 70 14.29 12.19 9.26
C GLU A 70 14.12 12.55 10.70
N LEU A 71 14.39 11.63 11.59
CA LEU A 71 14.27 11.93 12.98
C LEU A 71 15.37 12.88 13.31
N VAL A 72 16.53 12.60 12.76
CA VAL A 72 17.67 13.42 13.09
C VAL A 72 17.54 14.75 12.37
N GLN A 73 17.17 14.66 11.10
CA GLN A 73 17.17 15.83 10.26
C GLN A 73 16.04 16.73 10.62
N ALA A 74 14.80 16.24 10.63
CA ALA A 74 13.65 17.16 10.66
C ALA A 74 13.10 17.32 12.07
N CYS A 75 12.81 16.18 12.69
CA CYS A 75 12.00 16.12 13.90
C CYS A 75 12.68 16.83 14.98
N ARG A 76 13.98 16.82 14.91
CA ARG A 76 14.74 17.36 15.98
C ARG A 76 14.65 18.86 15.82
N LEU A 77 14.01 19.29 14.75
CA LEU A 77 13.88 20.72 14.55
C LEU A 77 12.48 21.33 14.75
N VAL A 78 11.48 20.45 14.84
CA VAL A 78 10.09 20.82 15.14
C VAL A 78 9.88 21.60 16.43
N CYS A 79 10.23 21.00 17.55
CA CYS A 79 10.11 21.67 18.83
C CYS A 79 11.07 21.07 19.85
N LEU A 80 11.16 21.76 20.97
CA LEU A 80 12.05 21.31 22.03
C LEU A 80 11.83 19.87 22.43
N ARG A 81 10.59 19.56 22.83
CA ARG A 81 10.24 18.25 23.38
C ARG A 81 10.68 17.19 22.41
N TRP A 82 10.17 17.30 21.20
CA TRP A 82 10.56 16.44 20.11
C TRP A 82 12.07 16.13 20.05
N LYS A 83 12.87 17.20 20.03
CA LYS A 83 14.32 17.10 19.98
C LYS A 83 14.86 16.40 21.23
N GLU A 84 14.62 16.99 22.38
CA GLU A 84 14.96 16.35 23.63
C GLU A 84 14.46 14.86 23.62
N LEU A 85 13.62 14.52 22.66
CA LEU A 85 13.14 13.14 22.48
C LEU A 85 13.92 12.27 21.50
N VAL A 86 14.19 12.84 20.34
CA VAL A 86 15.05 12.25 19.36
C VAL A 86 16.31 11.98 20.07
N ASP A 87 16.58 12.71 21.12
CA ASP A 87 17.82 12.45 21.73
C ASP A 87 17.58 11.64 22.96
N GLY A 88 16.41 11.00 23.01
CA GLY A 88 16.10 9.98 24.02
C GLY A 88 16.93 8.72 23.83
N ALA A 89 17.26 8.03 24.90
CA ALA A 89 17.80 6.71 24.72
C ALA A 89 16.65 5.85 24.22
N PRO A 90 15.52 5.84 24.96
CA PRO A 90 14.30 5.05 24.71
C PRO A 90 13.81 5.02 23.25
N LEU A 91 13.76 6.23 22.63
CA LEU A 91 13.35 6.38 21.23
C LEU A 91 14.12 5.48 20.27
N TRP A 92 15.44 5.47 20.35
CA TRP A 92 16.23 4.61 19.50
C TRP A 92 16.14 3.18 19.94
N LEU A 93 16.23 3.04 21.26
CA LEU A 93 16.27 1.78 21.90
C LEU A 93 15.12 1.00 21.35
N LEU A 94 14.00 1.69 21.13
CA LEU A 94 12.84 1.04 20.56
C LEU A 94 13.04 0.69 19.08
N LYS A 95 13.13 1.69 18.23
CA LYS A 95 13.44 1.45 16.84
C LYS A 95 14.42 0.27 16.67
N CYS A 96 15.33 0.07 17.64
CA CYS A 96 16.23 -1.07 17.60
C CYS A 96 15.45 -2.34 17.78
N GLN A 97 15.10 -2.67 19.02
CA GLN A 97 14.19 -3.79 19.31
C GLN A 97 13.07 -3.96 18.26
N GLN A 98 12.56 -2.85 17.77
CA GLN A 98 11.60 -2.91 16.69
C GLN A 98 12.10 -3.68 15.50
N GLU A 99 13.39 -3.61 15.20
CA GLU A 99 13.90 -4.40 14.09
C GLU A 99 15.15 -5.24 14.44
N GLY A 100 15.06 -6.05 15.51
CA GLY A 100 16.10 -7.04 15.85
C GLY A 100 17.44 -6.57 16.38
N LEU A 101 17.98 -5.52 15.74
CA LEU A 101 19.31 -5.00 15.98
C LEU A 101 20.05 -5.43 17.21
N VAL A 102 19.46 -5.34 18.42
CA VAL A 102 20.25 -5.69 19.63
C VAL A 102 21.00 -7.04 19.45
N PRO A 103 22.36 -7.05 19.67
CA PRO A 103 23.25 -8.21 19.42
C PRO A 103 22.55 -9.57 19.20
N HIS A 113 25.35 5.08 23.90
CA HIS A 113 24.57 5.82 22.91
C HIS A 113 23.99 4.85 21.86
N TRP A 114 22.67 4.70 21.83
CA TRP A 114 22.05 3.73 20.91
C TRP A 114 21.81 4.26 19.53
N GLN A 115 21.49 5.53 19.46
CA GLN A 115 21.18 6.10 18.19
C GLN A 115 22.25 5.60 17.22
N GLN A 116 23.50 5.87 17.62
CA GLN A 116 24.64 5.50 16.86
C GLN A 116 24.63 4.03 16.64
N PHE A 117 24.67 3.27 17.72
CA PHE A 117 24.62 1.86 17.56
C PHE A 117 23.60 1.51 16.49
N TYR A 118 22.43 2.17 16.51
CA TYR A 118 21.40 1.86 15.52
C TYR A 118 21.94 2.12 14.13
N PHE A 119 22.33 3.35 13.87
CA PHE A 119 22.86 3.72 12.58
C PHE A 119 24.02 2.90 12.12
N LEU A 120 24.75 2.37 13.07
CA LEU A 120 25.87 1.53 12.70
C LEU A 120 25.36 0.20 12.24
N SER A 121 24.43 -0.33 13.03
CA SER A 121 23.78 -1.59 12.81
C SER A 121 23.15 -1.54 11.49
N LYS A 122 22.68 -0.36 11.10
CA LYS A 122 22.17 -0.14 9.77
C LYS A 122 23.25 -0.27 8.70
N ARG A 123 24.34 0.48 8.87
CA ARG A 123 25.40 0.59 7.84
C ARG A 123 26.22 -0.68 7.71
N ARG A 124 26.80 -1.16 8.81
CA ARG A 124 27.36 -2.53 8.88
C ARG A 124 27.14 -3.51 7.70
N ARG A 125 28.24 -3.81 7.03
CA ARG A 125 28.30 -4.62 5.82
C ARG A 125 29.79 -4.63 5.44
N ASN A 126 30.27 -5.71 4.85
CA ASN A 126 31.65 -5.75 4.37
C ASN A 126 31.92 -4.57 3.43
N LEU A 127 32.97 -3.82 3.70
CA LEU A 127 33.31 -2.67 2.86
C LEU A 127 34.32 -2.90 1.71
N LEU A 128 34.89 -4.10 1.65
CA LEU A 128 35.82 -4.49 0.61
C LEU A 128 35.12 -4.90 -0.62
N ARG A 129 35.37 -4.18 -1.71
CA ARG A 129 34.71 -4.48 -2.97
C ARG A 129 35.30 -5.71 -3.62
N ASN A 130 34.50 -6.78 -3.78
CA ASN A 130 34.86 -7.98 -4.57
C ASN A 130 35.98 -8.79 -3.90
N PRO A 131 35.63 -9.59 -2.90
CA PRO A 131 36.59 -10.17 -1.98
C PRO A 131 37.29 -11.41 -2.49
N CYS A 132 36.82 -11.91 -3.63
CA CYS A 132 37.15 -13.28 -4.05
C CYS A 132 37.55 -13.48 -5.52
N GLY A 133 37.43 -12.42 -6.32
CA GLY A 133 37.95 -12.41 -7.72
C GLY A 133 36.87 -12.71 -8.74
N GLU A 134 35.64 -12.71 -8.24
CA GLU A 134 34.44 -12.85 -9.01
C GLU A 134 34.29 -11.78 -10.10
N GLU A 135 34.85 -10.62 -9.84
CA GLU A 135 35.28 -9.79 -10.95
C GLU A 135 36.76 -9.63 -10.73
N ASP A 136 37.51 -10.29 -11.61
CA ASP A 136 38.93 -10.56 -11.49
C ASP A 136 39.55 -9.72 -10.47
N LEU A 137 40.18 -8.66 -10.93
CA LEU A 137 40.67 -7.71 -10.00
C LEU A 137 39.83 -6.49 -10.18
N GLU A 138 38.54 -6.72 -10.26
CA GLU A 138 37.68 -5.61 -10.08
C GLU A 138 38.11 -4.93 -8.81
N GLY A 139 38.54 -3.67 -8.99
CA GLY A 139 38.69 -2.69 -7.90
C GLY A 139 39.70 -2.97 -6.81
N TRP A 140 40.72 -3.73 -7.14
CA TRP A 140 41.80 -3.92 -6.25
C TRP A 140 42.77 -2.99 -6.85
N SER A 141 43.89 -2.70 -6.22
CA SER A 141 44.85 -1.80 -6.88
C SER A 141 46.25 -1.81 -6.27
N ASP A 142 47.19 -1.05 -6.85
CA ASP A 142 48.64 -1.12 -6.51
C ASP A 142 49.09 -2.58 -6.65
N VAL A 143 48.16 -3.40 -7.14
CA VAL A 143 48.39 -4.72 -7.68
C VAL A 143 49.75 -4.84 -8.28
N GLU A 144 50.65 -5.48 -7.57
CA GLU A 144 51.90 -5.77 -8.18
C GLU A 144 51.93 -7.26 -8.45
N HIS A 145 52.27 -7.57 -9.70
CA HIS A 145 52.29 -8.92 -10.28
C HIS A 145 53.68 -9.52 -10.31
N GLY A 146 54.15 -10.03 -9.19
CA GLY A 146 55.44 -10.73 -9.18
C GLY A 146 55.29 -12.01 -9.97
N GLY A 147 56.32 -12.35 -10.76
CA GLY A 147 56.31 -13.57 -11.56
C GLY A 147 55.17 -13.64 -12.56
N ASP A 148 54.41 -14.74 -12.52
CA ASP A 148 53.27 -14.96 -13.42
C ASP A 148 52.01 -14.19 -13.04
N GLY A 149 52.14 -13.31 -12.05
CA GLY A 149 51.05 -12.46 -11.59
C GLY A 149 50.09 -13.16 -10.66
N TRP A 150 48.92 -12.54 -10.49
CA TRP A 150 47.79 -13.10 -9.75
C TRP A 150 47.03 -14.05 -10.70
N LYS A 151 46.09 -14.82 -10.17
CA LYS A 151 45.19 -15.61 -11.01
C LYS A 151 44.05 -16.18 -10.18
N VAL A 152 42.82 -16.02 -10.69
CA VAL A 152 41.62 -16.54 -10.04
C VAL A 152 41.25 -17.94 -10.53
N GLU A 153 41.29 -18.89 -9.60
CA GLU A 153 41.03 -20.29 -9.88
C GLU A 153 39.85 -20.66 -9.06
N GLU A 154 39.42 -21.90 -9.17
CA GLU A 154 38.21 -22.28 -8.50
C GLU A 154 38.40 -23.15 -7.29
N LEU A 155 37.55 -22.97 -6.29
CA LEU A 155 37.44 -23.95 -5.23
C LEU A 155 37.00 -25.28 -5.84
N PRO A 156 37.56 -26.41 -5.33
CA PRO A 156 38.57 -26.38 -4.28
C PRO A 156 39.86 -26.17 -5.04
N GLY A 157 40.95 -25.89 -4.32
CA GLY A 157 42.26 -25.75 -4.95
C GLY A 157 42.69 -26.90 -5.86
N ASP A 158 43.33 -26.54 -6.98
CA ASP A 158 43.96 -27.49 -7.89
C ASP A 158 45.04 -28.15 -7.04
N ASN A 159 44.65 -29.29 -6.46
CA ASN A 159 45.33 -29.90 -5.32
C ASN A 159 45.36 -28.94 -4.12
N GLY A 160 44.25 -28.87 -3.38
CA GLY A 160 44.13 -27.97 -2.21
C GLY A 160 42.71 -27.75 -1.72
N VAL A 161 42.47 -28.04 -0.44
CA VAL A 161 41.10 -28.25 0.10
C VAL A 161 40.04 -27.14 -0.07
N GLU A 162 38.77 -27.56 -0.12
CA GLU A 162 37.59 -26.69 -0.33
C GLU A 162 37.32 -25.86 0.95
N PHE A 163 36.56 -24.77 0.78
CA PHE A 163 36.18 -23.87 1.87
C PHE A 163 35.17 -24.50 2.83
N THR A 164 35.07 -23.92 4.02
CA THR A 164 34.11 -24.32 5.09
C THR A 164 33.17 -23.17 5.54
N GLN A 165 33.65 -22.35 6.49
CA GLN A 165 32.77 -21.44 7.23
C GLN A 165 32.30 -20.26 6.39
N ASP A 166 31.88 -20.65 5.18
CA ASP A 166 30.91 -20.05 4.24
C ASP A 166 31.05 -20.80 2.90
N ASP A 167 29.97 -20.98 2.16
CA ASP A 167 30.06 -21.67 0.87
C ASP A 167 29.36 -20.97 -0.25
N SER A 168 29.34 -19.65 -0.18
CA SER A 168 29.02 -18.82 -1.34
C SER A 168 30.36 -18.43 -2.00
N VAL A 169 31.45 -18.96 -1.42
CA VAL A 169 32.82 -18.77 -1.93
C VAL A 169 33.27 -19.80 -3.00
N LYS A 170 33.21 -19.37 -4.26
CA LYS A 170 33.54 -20.22 -5.39
C LYS A 170 34.99 -20.10 -5.84
N LYS A 171 35.58 -18.94 -5.56
CA LYS A 171 36.81 -18.51 -6.18
C LYS A 171 37.84 -17.93 -5.17
N TYR A 172 39.05 -17.67 -5.65
CA TYR A 172 40.16 -17.18 -4.81
C TYR A 172 41.35 -16.89 -5.69
N PHE A 173 42.20 -15.98 -5.26
CA PHE A 173 43.38 -15.64 -6.01
C PHE A 173 44.61 -16.51 -5.67
N ALA A 174 45.41 -16.87 -6.69
CA ALA A 174 46.63 -17.67 -6.48
C ALA A 174 47.86 -16.89 -6.91
N SER A 175 48.97 -17.01 -6.18
CA SER A 175 50.12 -16.17 -6.45
C SER A 175 51.28 -16.95 -7.04
N SER A 176 52.22 -16.23 -7.61
CA SER A 176 53.28 -16.85 -8.36
C SER A 176 54.54 -17.16 -7.54
N PHE A 177 55.69 -17.15 -8.21
CA PHE A 177 56.98 -17.49 -7.62
C PHE A 177 57.67 -16.26 -7.06
N GLU A 178 57.01 -15.13 -7.25
CA GLU A 178 57.42 -13.94 -6.54
C GLU A 178 56.26 -13.26 -5.81
N TRP A 179 56.55 -12.17 -5.08
CA TRP A 179 55.50 -11.48 -4.34
C TRP A 179 54.42 -10.98 -5.26
N CYS A 180 53.19 -11.19 -4.79
CA CYS A 180 52.02 -10.62 -5.40
C CYS A 180 51.22 -9.88 -4.35
N ARG A 181 50.98 -8.61 -4.60
CA ARG A 181 50.28 -7.78 -3.63
C ARG A 181 49.15 -7.11 -4.37
N LYS A 182 48.00 -7.00 -3.71
CA LYS A 182 46.91 -6.13 -4.14
C LYS A 182 46.43 -5.39 -2.93
N ALA A 183 45.68 -4.31 -3.18
CA ALA A 183 45.27 -3.36 -2.13
C ALA A 183 43.91 -2.77 -2.38
N GLN A 184 43.35 -2.23 -1.30
CA GLN A 184 42.14 -1.44 -1.34
C GLN A 184 42.16 -0.32 -0.32
N VAL A 185 41.62 0.82 -0.73
CA VAL A 185 41.45 1.96 0.17
C VAL A 185 39.99 2.25 0.41
N ILE A 186 39.62 2.48 1.65
CA ILE A 186 38.21 2.67 1.96
C ILE A 186 37.92 4.04 2.48
N ASP A 187 37.04 4.71 1.75
CA ASP A 187 36.56 5.99 2.19
C ASP A 187 35.41 5.78 3.16
N LEU A 188 35.70 6.03 4.43
CA LEU A 188 34.75 5.74 5.51
C LEU A 188 33.55 6.64 5.41
N GLN A 189 33.78 7.93 5.17
CA GLN A 189 32.69 8.88 4.90
C GLN A 189 31.88 8.48 3.70
N ALA A 190 32.54 8.27 2.57
CA ALA A 190 31.84 7.88 1.35
C ALA A 190 31.05 6.56 1.53
N GLU A 191 31.37 5.76 2.54
CA GLU A 191 30.53 4.60 2.94
C GLU A 191 29.44 4.97 3.94
N GLY A 192 29.55 6.17 4.48
CA GLY A 192 28.51 6.68 5.33
C GLY A 192 28.87 6.67 6.79
N TYR A 193 30.14 6.96 7.05
CA TYR A 193 30.64 7.05 8.40
C TYR A 193 31.24 8.45 8.63
N TRP A 194 30.53 9.28 9.40
CA TRP A 194 30.93 10.68 9.61
C TRP A 194 31.98 10.91 10.70
N GLU A 195 32.66 12.06 10.60
CA GLU A 195 33.86 12.41 11.38
C GLU A 195 33.61 12.41 12.89
N GLU A 196 32.47 12.97 13.31
CA GLU A 196 32.11 13.12 14.75
C GLU A 196 31.92 11.79 15.46
N LEU A 197 31.83 10.72 14.66
CA LEU A 197 31.63 9.36 15.16
C LEU A 197 32.91 8.60 15.11
N LEU A 198 33.65 8.82 14.04
CA LEU A 198 34.96 8.23 13.93
C LEU A 198 35.87 8.79 15.01
N ASP A 199 35.77 10.10 15.27
CA ASP A 199 36.70 10.76 16.19
C ASP A 199 36.24 10.70 17.61
N THR A 200 34.93 10.64 17.82
CA THR A 200 34.40 10.48 19.16
C THR A 200 34.20 9.02 19.54
N THR A 201 33.47 8.26 18.73
CA THR A 201 33.07 6.93 19.14
C THR A 201 34.16 5.93 18.89
N GLN A 202 34.86 6.08 17.75
CA GLN A 202 35.94 5.18 17.30
C GLN A 202 35.46 3.75 17.26
N PRO A 203 34.37 3.49 16.55
CA PRO A 203 33.82 2.18 16.65
C PRO A 203 34.85 1.26 16.06
N ALA A 204 34.69 -0.03 16.36
CA ALA A 204 35.75 -1.01 16.09
C ALA A 204 35.82 -1.38 14.63
N ILE A 205 36.94 -1.13 14.03
CA ILE A 205 37.10 -1.57 12.68
C ILE A 205 37.69 -2.96 12.67
N VAL A 206 37.17 -3.86 11.85
CA VAL A 206 37.58 -5.25 12.00
C VAL A 206 37.95 -5.88 10.68
N VAL A 207 39.19 -6.32 10.57
CA VAL A 207 39.73 -6.85 9.31
C VAL A 207 39.97 -8.32 9.31
N LYS A 208 39.45 -8.96 8.30
CA LYS A 208 39.53 -10.37 8.23
C LYS A 208 40.11 -10.70 6.90
N ASP A 209 40.89 -11.78 6.86
CA ASP A 209 41.36 -12.33 5.61
C ASP A 209 41.63 -13.80 5.71
N TRP A 210 41.24 -14.55 4.69
CA TRP A 210 41.54 -16.00 4.59
C TRP A 210 42.59 -16.34 3.56
N TYR A 211 43.36 -17.36 3.88
CA TYR A 211 44.47 -17.74 3.06
C TYR A 211 44.86 -19.15 3.34
N SER A 212 45.46 -19.79 2.35
CA SER A 212 45.88 -21.15 2.52
C SER A 212 46.93 -21.49 1.50
N GLY A 213 47.53 -22.66 1.72
CA GLY A 213 48.58 -23.15 0.86
C GLY A 213 48.09 -24.11 -0.21
N ARG A 214 49.06 -24.64 -0.94
CA ARG A 214 48.90 -25.86 -1.68
C ARG A 214 49.56 -26.91 -0.80
N THR A 215 49.12 -28.14 -0.95
CA THR A 215 49.73 -29.21 -0.18
C THR A 215 51.10 -29.48 -0.75
N ASP A 216 51.22 -29.38 -2.06
CA ASP A 216 52.43 -29.75 -2.75
C ASP A 216 53.63 -28.81 -2.65
N ALA A 217 53.45 -27.58 -2.15
CA ALA A 217 54.57 -26.61 -2.16
C ALA A 217 54.44 -25.48 -1.15
N GLY A 218 55.54 -25.20 -0.46
CA GLY A 218 55.62 -24.15 0.57
C GLY A 218 55.36 -22.72 0.11
N SER A 219 54.50 -22.02 0.86
CA SER A 219 54.01 -20.67 0.50
C SER A 219 54.11 -19.62 1.60
N LEU A 220 53.81 -18.39 1.23
CA LEU A 220 53.95 -17.29 2.16
C LEU A 220 52.95 -16.12 2.06
N TYR A 221 52.38 -15.75 3.20
CA TYR A 221 51.31 -14.75 3.30
C TYR A 221 51.75 -13.50 4.01
N GLU A 222 51.12 -12.40 3.66
CA GLU A 222 51.38 -11.15 4.33
C GLU A 222 50.18 -10.26 4.24
N LEU A 223 49.96 -9.54 5.32
CA LEU A 223 48.87 -8.61 5.44
C LEU A 223 49.40 -7.37 6.12
N THR A 224 48.70 -6.26 5.84
CA THR A 224 49.10 -4.94 6.25
C THR A 224 47.94 -4.05 6.01
N VAL A 225 47.27 -3.72 7.09
CA VAL A 225 46.14 -2.85 7.03
C VAL A 225 46.47 -1.54 7.65
N ARG A 226 45.88 -0.49 7.12
CA ARG A 226 46.09 0.76 7.78
C ARG A 226 44.82 1.60 7.92
N LEU A 227 44.85 2.39 9.00
CA LEU A 227 43.90 3.45 9.23
C LEU A 227 44.63 4.74 8.93
N LEU A 228 43.94 5.67 8.27
CA LEU A 228 44.62 6.85 7.75
C LEU A 228 43.91 8.19 7.95
N SER A 229 44.69 9.17 8.41
CA SER A 229 44.25 10.54 8.44
C SER A 229 44.05 10.98 7.02
N GLU A 230 42.91 11.62 6.80
CA GLU A 230 42.75 12.61 5.76
C GLU A 230 43.90 12.71 4.73
N ASN A 231 45.07 13.17 5.16
CA ASN A 231 46.13 13.29 4.18
C ASN A 231 47.10 12.13 4.27
N GLU A 232 46.53 10.97 3.99
CA GLU A 232 47.24 9.72 4.10
C GLU A 232 48.26 9.79 5.21
N ASP A 233 47.79 9.79 6.46
CA ASP A 233 48.69 9.62 7.60
C ASP A 233 48.51 8.32 8.34
N VAL A 234 49.61 7.65 8.55
CA VAL A 234 49.48 6.38 9.18
C VAL A 234 49.16 6.54 10.65
N LEU A 235 47.88 6.35 10.89
CA LEU A 235 47.28 6.51 12.17
C LEU A 235 47.28 5.25 13.02
N ALA A 236 47.31 4.09 12.36
CA ALA A 236 47.50 2.79 12.99
C ALA A 236 47.88 1.79 11.93
N GLU A 237 48.70 0.81 12.30
CA GLU A 237 49.03 -0.29 11.39
C GLU A 237 48.72 -1.63 11.97
N PHE A 238 48.38 -2.56 11.13
CA PHE A 238 48.52 -3.93 11.51
C PHE A 238 49.34 -4.49 10.36
N ALA A 239 50.46 -5.13 10.68
CA ALA A 239 51.20 -5.80 9.63
C ALA A 239 51.40 -7.16 10.17
N THR A 240 51.51 -8.18 9.33
CA THR A 240 51.77 -9.48 9.88
C THR A 240 53.23 -9.84 9.77
N GLY A 241 53.95 -9.19 8.88
CA GLY A 241 55.26 -9.68 8.44
C GLY A 241 54.95 -10.75 7.41
N GLN A 242 55.94 -11.53 6.97
CA GLN A 242 55.65 -12.72 6.14
C GLN A 242 55.27 -13.90 7.02
N VAL A 243 54.29 -14.74 6.66
CA VAL A 243 54.06 -15.96 7.44
C VAL A 243 54.04 -17.26 6.65
N ALA A 244 54.54 -18.30 7.27
CA ALA A 244 54.59 -19.60 6.63
C ALA A 244 53.19 -20.15 6.45
N VAL A 245 52.68 -20.13 5.23
CA VAL A 245 51.41 -20.80 4.99
C VAL A 245 51.50 -22.31 5.29
N PRO A 246 50.60 -22.84 6.15
CA PRO A 246 50.56 -24.26 6.54
C PRO A 246 50.77 -25.31 5.40
N GLU A 247 51.90 -26.02 5.53
CA GLU A 247 52.26 -27.24 4.79
C GLU A 247 51.12 -27.97 4.05
N ASP A 248 50.12 -28.37 4.82
CA ASP A 248 49.03 -29.18 4.34
C ASP A 248 47.86 -28.45 3.67
N GLY A 249 48.00 -27.14 3.42
CA GLY A 249 47.00 -26.31 2.72
C GLY A 249 45.59 -26.28 3.30
N SER A 250 45.52 -26.11 4.62
CA SER A 250 44.24 -25.86 5.28
C SER A 250 43.86 -24.40 5.01
N TRP A 251 42.63 -24.00 5.29
CA TRP A 251 42.31 -22.59 5.21
C TRP A 251 42.49 -21.83 6.53
N MET A 252 43.46 -20.91 6.61
CA MET A 252 43.70 -20.10 7.83
C MET A 252 43.05 -18.72 7.71
N GLU A 253 42.55 -18.21 8.82
CA GLU A 253 41.82 -16.95 8.80
C GLU A 253 42.27 -15.93 9.82
N ILE A 254 42.92 -14.91 9.31
CA ILE A 254 43.53 -13.88 10.12
C ILE A 254 42.67 -12.61 10.25
N SER A 255 42.50 -12.16 11.49
CA SER A 255 41.71 -10.98 11.83
C SER A 255 42.50 -9.94 12.58
N HIS A 256 42.14 -8.67 12.41
CA HIS A 256 42.51 -7.66 13.42
C HIS A 256 41.31 -6.81 13.78
N THR A 257 41.33 -6.29 15.01
CA THR A 257 40.35 -5.33 15.41
C THR A 257 40.97 -4.03 15.92
N PHE A 258 40.53 -2.93 15.34
CA PHE A 258 41.05 -1.65 15.71
C PHE A 258 40.09 -0.90 16.58
N ILE A 259 40.68 -0.31 17.63
CA ILE A 259 39.94 0.32 18.75
C ILE A 259 40.76 1.47 19.33
N ASP A 260 40.16 2.25 20.24
CA ASP A 260 40.74 3.49 20.78
C ASP A 260 41.83 4.01 19.89
N TYR A 261 41.56 4.09 18.59
CA TYR A 261 42.60 4.39 17.62
C TYR A 261 42.87 5.85 17.51
N GLY A 262 41.91 6.67 17.91
CA GLY A 262 42.12 8.07 17.84
C GLY A 262 41.34 8.75 16.73
N PRO A 263 41.40 10.07 16.76
CA PRO A 263 40.48 10.83 15.95
C PRO A 263 41.14 11.31 14.67
N GLY A 264 40.50 11.03 13.54
CA GLY A 264 40.89 11.58 12.27
C GLY A 264 40.90 10.54 11.19
N VAL A 265 40.72 9.28 11.58
CA VAL A 265 40.67 8.19 10.62
C VAL A 265 39.64 8.56 9.56
N ARG A 266 39.96 8.36 8.27
CA ARG A 266 38.97 8.63 7.23
C ARG A 266 38.99 7.55 6.18
N PHE A 267 39.99 6.69 6.30
CA PHE A 267 40.29 5.76 5.26
C PHE A 267 40.88 4.53 5.83
N VAL A 268 40.63 3.40 5.19
CA VAL A 268 41.24 2.16 5.64
C VAL A 268 41.93 1.58 4.47
N ARG A 269 43.16 1.14 4.65
CA ARG A 269 43.81 0.57 3.51
C ARG A 269 44.03 -0.87 3.71
N PHE A 270 43.47 -1.65 2.81
CA PHE A 270 43.69 -3.09 2.83
C PHE A 270 44.80 -3.47 1.88
N GLU A 271 45.68 -4.32 2.34
CA GLU A 271 46.71 -4.81 1.49
C GLU A 271 47.23 -6.09 2.01
N HIS A 272 47.20 -7.11 1.16
CA HIS A 272 47.81 -8.38 1.51
C HIS A 272 48.52 -8.91 0.30
N GLY A 273 49.28 -9.99 0.46
CA GLY A 273 49.92 -10.64 -0.70
C GLY A 273 50.51 -12.03 -0.44
N GLY A 274 51.16 -12.59 -1.46
CA GLY A 274 51.78 -13.90 -1.29
C GLY A 274 52.52 -14.49 -2.48
N GLN A 275 53.26 -15.58 -2.21
CA GLN A 275 54.10 -16.28 -3.18
C GLN A 275 54.57 -17.60 -2.61
N ASP A 276 55.37 -18.31 -3.40
CA ASP A 276 55.92 -19.57 -2.93
C ASP A 276 57.36 -19.50 -2.42
N SER A 277 57.66 -20.43 -1.52
CA SER A 277 58.98 -20.56 -0.95
C SER A 277 59.87 -21.28 -1.91
N VAL A 278 59.26 -22.06 -2.81
CA VAL A 278 59.98 -22.97 -3.70
C VAL A 278 60.49 -22.26 -4.93
N TYR A 279 59.63 -21.47 -5.55
CA TYR A 279 60.07 -20.67 -6.67
C TYR A 279 59.94 -21.49 -8.00
N TRP A 280 58.69 -21.73 -8.41
CA TRP A 280 58.32 -22.46 -9.65
C TRP A 280 57.36 -21.63 -10.48
N LYS A 281 57.44 -21.72 -11.81
CA LYS A 281 56.47 -20.99 -12.64
C LYS A 281 55.12 -21.67 -12.42
N GLY A 282 54.05 -20.89 -12.59
CA GLY A 282 52.69 -21.32 -12.30
C GLY A 282 52.17 -20.50 -11.14
N TRP A 283 51.32 -21.13 -10.35
CA TRP A 283 50.74 -20.46 -9.20
C TRP A 283 50.78 -21.32 -7.94
N PHE A 284 51.99 -21.40 -7.38
CA PHE A 284 52.26 -22.27 -6.24
C PHE A 284 52.34 -21.46 -4.99
N GLY A 285 52.45 -20.16 -5.19
CA GLY A 285 52.40 -19.23 -4.10
C GLY A 285 51.06 -19.26 -3.40
N ALA A 286 51.01 -18.51 -2.30
CA ALA A 286 49.89 -18.53 -1.35
C ALA A 286 48.59 -18.11 -2.01
N ARG A 287 47.47 -18.53 -1.44
CA ARG A 287 46.17 -18.22 -2.01
C ARG A 287 45.30 -17.49 -1.00
N VAL A 288 44.77 -16.36 -1.43
CA VAL A 288 43.93 -15.55 -0.57
C VAL A 288 42.52 -15.45 -1.03
N THR A 289 41.61 -15.14 -0.10
CA THR A 289 40.22 -14.97 -0.48
C THR A 289 39.23 -14.50 0.63
N ASN A 290 38.15 -13.84 0.20
CA ASN A 290 37.04 -13.63 1.11
C ASN A 290 37.28 -12.49 2.10
N SER A 291 38.44 -11.86 1.95
CA SER A 291 38.83 -10.63 2.62
C SER A 291 37.62 -9.68 2.78
N SER A 292 37.53 -9.04 3.94
CA SER A 292 36.34 -8.30 4.34
C SER A 292 36.75 -7.32 5.38
N VAL A 293 35.95 -6.28 5.59
CA VAL A 293 36.30 -5.18 6.50
C VAL A 293 35.05 -4.53 7.04
N TRP A 294 35.02 -4.35 8.35
CA TRP A 294 33.78 -4.04 9.01
C TRP A 294 33.89 -2.94 9.98
N VAL A 295 32.86 -2.12 10.06
CA VAL A 295 32.78 -1.28 11.23
C VAL A 295 31.67 -1.76 12.10
N GLU A 296 32.08 -2.39 13.20
CA GLU A 296 31.18 -3.08 14.09
C GLU A 296 30.58 -2.12 15.10
N PRO A 297 29.23 -2.05 15.10
CA PRO A 297 28.54 -1.59 16.27
C PRO A 297 28.78 -2.67 17.32
N PRO B 5 -24.09 -14.19 23.22
CA PRO B 5 -22.94 -13.33 23.03
C PRO B 5 -23.32 -11.92 22.59
N SER B 6 -23.13 -10.98 23.52
CA SER B 6 -23.37 -9.57 23.31
C SER B 6 -22.85 -8.84 24.54
N ILE B 7 -21.86 -7.97 24.39
CA ILE B 7 -21.47 -7.22 25.55
C ILE B 7 -21.90 -5.78 25.41
N LYS B 8 -22.43 -5.23 26.51
CA LYS B 8 -22.85 -3.81 26.62
C LYS B 8 -21.67 -2.97 27.14
N LEU B 9 -21.43 -1.88 26.43
CA LEU B 9 -20.32 -1.04 26.66
C LEU B 9 -20.83 0.35 26.69
N GLN B 10 -20.53 1.06 27.77
CA GLN B 10 -21.06 2.42 28.00
C GLN B 10 -20.03 3.52 27.82
N SER B 11 -20.37 4.51 27.00
CA SER B 11 -19.44 5.60 26.76
C SER B 11 -19.38 6.61 27.91
N SER B 12 -18.59 7.66 27.73
CA SER B 12 -18.41 8.62 28.80
C SER B 12 -19.70 9.34 28.99
N ASP B 13 -20.19 9.97 27.93
CA ASP B 13 -21.50 10.59 27.92
C ASP B 13 -22.57 9.52 27.83
N GLY B 14 -23.08 9.09 28.95
CA GLY B 14 -24.13 8.07 28.98
C GLY B 14 -24.30 6.93 27.98
N GLU B 15 -24.00 7.11 26.69
CA GLU B 15 -24.49 6.13 25.71
C GLU B 15 -24.00 4.71 25.89
N ILE B 16 -24.93 3.79 25.67
CA ILE B 16 -24.71 2.36 25.84
C ILE B 16 -24.69 1.67 24.46
N PHE B 17 -23.76 0.73 24.27
CA PHE B 17 -23.53 0.04 22.96
C PHE B 17 -23.49 -1.46 23.03
N GLU B 18 -24.27 -2.12 22.17
CA GLU B 18 -24.15 -3.57 22.15
C GLU B 18 -23.28 -4.05 21.04
N VAL B 19 -22.23 -4.74 21.45
CA VAL B 19 -21.43 -5.50 20.52
C VAL B 19 -21.43 -6.93 20.92
N ASP B 20 -21.52 -7.72 19.88
CA ASP B 20 -21.25 -9.09 19.86
C ASP B 20 -19.88 -9.25 20.46
N VAL B 21 -19.74 -10.27 21.29
CA VAL B 21 -18.49 -10.51 21.96
C VAL B 21 -17.45 -10.90 20.96
N GLU B 22 -17.92 -11.59 19.93
CA GLU B 22 -17.11 -12.01 18.80
C GLU B 22 -16.21 -10.88 18.33
N ILE B 23 -16.78 -9.71 18.12
CA ILE B 23 -16.01 -8.65 17.50
C ILE B 23 -15.37 -7.70 18.52
N ALA B 24 -15.95 -7.58 19.73
CA ALA B 24 -15.19 -7.11 20.87
C ALA B 24 -14.21 -8.27 21.08
N LYS B 25 -13.55 -8.37 22.23
CA LYS B 25 -12.69 -9.52 22.40
C LYS B 25 -11.51 -9.29 21.49
N GLN B 26 -11.71 -8.36 20.54
CA GLN B 26 -10.67 -7.84 19.65
C GLN B 26 -9.90 -6.75 20.37
N SER B 27 -10.57 -6.05 21.26
CA SER B 27 -9.84 -5.35 22.28
C SER B 27 -9.33 -6.36 23.28
N VAL B 28 -8.01 -6.51 23.33
CA VAL B 28 -7.46 -7.37 24.34
C VAL B 28 -7.93 -6.92 25.73
N THR B 29 -7.84 -5.63 26.03
CA THR B 29 -7.98 -5.27 27.39
C THR B 29 -9.35 -5.65 27.82
N ILE B 30 -10.31 -5.69 26.88
CA ILE B 30 -11.69 -6.10 27.25
C ILE B 30 -11.77 -7.62 27.26
N LYS B 31 -11.10 -8.25 26.32
CA LYS B 31 -11.13 -9.67 26.26
C LYS B 31 -10.63 -10.19 27.58
N THR B 32 -9.42 -9.79 27.98
CA THR B 32 -8.88 -10.35 29.20
C THR B 32 -9.89 -10.13 30.34
N MET B 33 -10.64 -9.04 30.25
CA MET B 33 -11.57 -8.66 31.28
C MET B 33 -12.66 -9.66 31.39
N LEU B 34 -12.92 -10.38 30.31
CA LEU B 34 -14.12 -11.15 30.23
C LEU B 34 -13.97 -12.36 31.05
N GLU B 35 -13.06 -13.26 30.68
CA GLU B 35 -12.65 -14.26 31.69
C GLU B 35 -11.99 -13.37 32.72
N ASP B 36 -11.77 -13.89 33.93
CA ASP B 36 -11.60 -13.08 35.14
C ASP B 36 -13.02 -12.80 35.55
N ASP B 46 -25.32 -5.16 33.38
CA ASP B 46 -23.88 -5.38 33.25
C ASP B 46 -23.29 -4.63 32.04
N PRO B 47 -23.38 -3.28 32.04
CA PRO B 47 -22.57 -2.59 31.06
C PRO B 47 -21.16 -2.48 31.60
N VAL B 48 -20.19 -2.42 30.69
CA VAL B 48 -18.85 -1.99 31.05
C VAL B 48 -18.67 -0.50 30.77
N PRO B 49 -18.26 0.27 31.78
CA PRO B 49 -18.21 1.68 31.58
C PRO B 49 -16.90 2.06 30.98
N LEU B 50 -16.92 3.10 30.16
CA LEU B 50 -15.70 3.63 29.56
C LEU B 50 -15.77 5.15 29.58
N PRO B 51 -15.42 5.74 30.72
CA PRO B 51 -15.67 7.16 30.88
C PRO B 51 -14.46 7.93 30.42
N ASN B 52 -13.93 7.55 29.28
CA ASN B 52 -12.74 8.18 28.78
C ASN B 52 -12.76 8.10 27.27
N VAL B 53 -13.84 7.53 26.76
CA VAL B 53 -14.18 7.61 25.34
C VAL B 53 -15.56 8.17 25.22
N ASN B 54 -15.72 9.21 24.42
CA ASN B 54 -17.05 9.59 24.05
C ASN B 54 -17.47 8.67 22.94
N ALA B 55 -18.78 8.59 22.79
CA ALA B 55 -19.38 7.55 21.98
C ALA B 55 -19.28 7.84 20.49
N ALA B 56 -18.56 8.90 20.15
CA ALA B 56 -18.33 9.19 18.75
C ALA B 56 -17.14 8.34 18.39
N ILE B 57 -16.19 8.36 19.31
CA ILE B 57 -15.08 7.46 19.17
C ILE B 57 -15.59 6.04 19.34
N LEU B 58 -16.08 5.76 20.54
CA LEU B 58 -16.45 4.43 20.79
C LEU B 58 -17.05 3.82 19.53
N LYS B 59 -18.04 4.48 18.96
CA LYS B 59 -18.68 4.09 17.73
C LYS B 59 -17.63 3.62 16.75
N LYS B 60 -16.79 4.57 16.39
CA LYS B 60 -15.81 4.41 15.37
C LYS B 60 -14.97 3.16 15.68
N VAL B 61 -14.53 3.06 16.94
CA VAL B 61 -13.79 1.90 17.41
C VAL B 61 -14.50 0.62 17.08
N ILE B 62 -15.77 0.57 17.46
CA ILE B 62 -16.49 -0.68 17.32
C ILE B 62 -16.74 -1.02 15.85
N GLN B 63 -16.76 0.00 14.99
CA GLN B 63 -16.77 -0.26 13.56
C GLN B 63 -15.46 -0.94 13.19
N TRP B 64 -14.34 -0.33 13.53
CA TRP B 64 -13.07 -0.94 13.23
C TRP B 64 -13.10 -2.35 13.68
N CYS B 65 -13.69 -2.62 14.81
CA CYS B 65 -13.61 -3.98 15.25
C CYS B 65 -14.42 -4.92 14.41
N THR B 66 -15.60 -4.49 13.99
CA THR B 66 -16.52 -5.35 13.26
C THR B 66 -15.90 -5.68 11.92
N HIS B 67 -15.20 -4.71 11.36
CA HIS B 67 -14.66 -4.91 10.05
C HIS B 67 -13.47 -5.82 10.17
N HIS B 68 -12.84 -5.86 11.33
CA HIS B 68 -11.71 -6.74 11.52
C HIS B 68 -12.01 -7.91 12.45
N LYS B 69 -13.20 -8.51 12.40
CA LYS B 69 -13.52 -9.63 13.31
C LYS B 69 -12.57 -10.84 13.14
N ASP B 70 -11.56 -10.70 12.26
CA ASP B 70 -10.66 -11.80 11.91
C ASP B 70 -9.29 -11.60 12.55
N ASP B 71 -8.24 -11.72 11.73
CA ASP B 71 -6.84 -11.45 12.16
C ASP B 71 -6.49 -11.76 13.66
N ASP B 86 4.22 -0.26 7.43
CA ASP B 86 3.56 0.31 6.27
C ASP B 86 2.39 -0.50 5.62
N ASP B 87 2.33 -0.35 4.31
CA ASP B 87 1.18 0.22 3.60
C ASP B 87 -0.14 0.58 4.26
N ILE B 88 -0.64 -0.36 5.07
CA ILE B 88 -1.95 -0.20 5.70
C ILE B 88 -3.11 -0.44 4.71
N PRO B 89 -3.88 -1.48 4.98
CA PRO B 89 -5.03 -1.86 4.20
C PRO B 89 -5.91 -0.66 3.78
N VAL B 90 -6.21 -0.59 2.47
CA VAL B 90 -7.04 0.45 1.83
C VAL B 90 -8.25 0.93 2.63
N TRP B 91 -8.96 -0.03 3.20
CA TRP B 91 -10.16 0.23 3.91
C TRP B 91 -9.86 1.06 5.12
N ASP B 92 -8.75 0.72 5.79
CA ASP B 92 -8.36 1.42 6.99
C ASP B 92 -7.89 2.76 6.58
N GLN B 93 -6.95 2.79 5.63
CA GLN B 93 -6.49 4.01 5.02
C GLN B 93 -7.66 4.95 5.08
N GLU B 94 -8.77 4.45 4.56
CA GLU B 94 -9.98 5.21 4.29
C GLU B 94 -10.69 5.63 5.56
N PHE B 95 -10.96 4.63 6.39
CA PHE B 95 -11.55 4.82 7.70
C PHE B 95 -10.94 6.01 8.42
N LEU B 96 -9.60 5.99 8.52
CA LEU B 96 -8.82 7.00 9.21
C LEU B 96 -8.66 8.27 8.42
N LYS B 97 -9.58 8.51 7.52
CA LYS B 97 -9.45 9.70 6.76
C LYS B 97 -10.24 10.74 7.53
N VAL B 98 -9.79 11.05 8.75
CA VAL B 98 -10.60 11.81 9.74
C VAL B 98 -9.89 13.00 10.36
N ASP B 99 -10.63 13.87 11.03
CA ASP B 99 -9.98 15.02 11.62
C ASP B 99 -8.99 14.65 12.73
N GLN B 100 -7.82 15.28 12.67
CA GLN B 100 -6.73 15.15 13.64
C GLN B 100 -7.27 14.69 15.00
N GLY B 101 -7.78 15.62 15.79
CA GLY B 101 -8.59 15.30 16.95
C GLY B 101 -9.02 13.87 16.94
N THR B 102 -10.00 13.51 16.13
CA THR B 102 -10.55 12.17 16.22
C THR B 102 -9.49 11.06 16.09
N LEU B 103 -8.45 11.30 15.29
CA LEU B 103 -7.34 10.35 15.18
C LEU B 103 -6.89 9.98 16.56
N PHE B 104 -6.15 10.90 17.14
CA PHE B 104 -5.62 10.75 18.48
C PHE B 104 -6.55 10.10 19.42
N GLU B 105 -7.81 10.50 19.37
CA GLU B 105 -8.75 9.97 20.30
C GLU B 105 -8.87 8.49 20.09
N LEU B 106 -8.58 8.04 18.88
CA LEU B 106 -8.56 6.60 18.62
C LEU B 106 -7.24 6.13 19.12
N ILE B 107 -6.20 6.77 18.63
CA ILE B 107 -4.89 6.27 18.97
C ILE B 107 -4.69 6.36 20.46
N LEU B 108 -5.75 6.66 21.17
CA LEU B 108 -5.70 6.67 22.62
C LEU B 108 -6.54 5.55 23.21
N ALA B 109 -7.74 5.47 22.68
CA ALA B 109 -8.67 4.44 23.03
C ALA B 109 -8.05 3.11 22.69
N ALA B 110 -7.65 3.00 21.42
CA ALA B 110 -7.01 1.83 20.88
C ALA B 110 -6.02 1.34 21.87
N ASN B 111 -5.05 2.18 22.22
CA ASN B 111 -4.04 1.84 23.28
C ASN B 111 -4.61 1.35 24.60
N TYR B 112 -5.66 2.06 24.99
CA TYR B 112 -6.28 1.80 26.23
C TYR B 112 -6.92 0.45 26.16
N LEU B 113 -7.65 0.22 25.08
CA LEU B 113 -8.33 -1.05 24.90
C LEU B 113 -7.45 -2.17 24.39
N ASP B 114 -6.18 -1.84 24.12
CA ASP B 114 -5.19 -2.81 23.66
C ASP B 114 -5.78 -3.50 22.45
N ILE B 115 -6.12 -2.71 21.45
CA ILE B 115 -6.57 -3.22 20.15
C ILE B 115 -5.33 -3.14 19.33
N LYS B 116 -4.47 -4.13 19.61
CA LYS B 116 -3.03 -4.07 19.35
C LYS B 116 -2.97 -3.68 17.85
N GLY B 117 -4.01 -4.10 17.13
CA GLY B 117 -4.11 -3.91 15.69
C GLY B 117 -4.38 -2.52 15.20
N LEU B 118 -5.41 -1.88 15.75
CA LEU B 118 -5.86 -0.56 15.29
C LEU B 118 -4.86 0.54 15.57
N LEU B 119 -4.23 0.43 16.73
CA LEU B 119 -3.27 1.40 17.16
C LEU B 119 -2.14 1.61 16.14
N ASP B 120 -1.52 0.50 15.76
CA ASP B 120 -0.50 0.43 14.75
C ASP B 120 -0.88 1.32 13.57
N VAL B 121 -1.89 0.86 12.85
CA VAL B 121 -2.36 1.44 11.63
C VAL B 121 -2.74 2.91 11.88
N THR B 122 -3.32 3.19 13.05
CA THR B 122 -3.56 4.57 13.38
C THR B 122 -2.20 5.31 13.43
N CYS B 123 -1.29 4.82 14.28
CA CYS B 123 0.02 5.42 14.45
C CYS B 123 0.78 5.67 13.17
N LYS B 124 0.70 4.76 12.22
CA LYS B 124 1.38 5.03 10.98
C LYS B 124 0.73 6.20 10.30
N THR B 125 -0.58 6.12 10.12
CA THR B 125 -1.34 7.24 9.60
C THR B 125 -0.75 8.61 9.99
N VAL B 126 -0.59 8.81 11.30
CA VAL B 126 -0.04 10.06 11.83
C VAL B 126 1.38 10.21 11.31
N ALA B 127 2.18 9.18 11.49
CA ALA B 127 3.55 9.34 11.13
C ALA B 127 3.59 9.64 9.66
N ASN B 128 2.77 8.92 8.89
CA ASN B 128 2.55 9.23 7.49
C ASN B 128 2.42 10.68 7.26
N MET B 129 1.76 11.34 8.19
CA MET B 129 1.61 12.77 8.11
C MET B 129 2.95 13.48 8.26
N ILE B 130 3.66 13.23 9.35
CA ILE B 130 5.00 13.79 9.60
C ILE B 130 6.00 13.51 8.47
N LYS B 131 5.86 12.36 7.80
CA LYS B 131 6.87 11.84 6.85
C LYS B 131 7.16 12.77 5.68
N GLY B 132 8.45 13.07 5.48
CA GLY B 132 8.92 13.89 4.38
C GLY B 132 8.39 15.32 4.37
N LYS B 133 8.28 15.94 5.56
CA LYS B 133 7.91 17.38 5.67
C LYS B 133 9.09 18.18 6.24
N THR B 134 8.96 19.52 6.29
CA THR B 134 10.00 20.36 6.93
C THR B 134 9.52 20.76 8.29
N PRO B 135 10.46 21.03 9.21
CA PRO B 135 10.04 21.42 10.52
C PRO B 135 8.93 22.42 10.42
N GLU B 136 9.18 23.49 9.69
CA GLU B 136 8.15 24.52 9.56
C GLU B 136 6.80 23.83 9.23
N GLU B 137 6.85 22.98 8.20
CA GLU B 137 5.70 22.23 7.71
C GLU B 137 5.00 21.30 8.68
N ILE B 138 5.74 20.46 9.36
CA ILE B 138 5.07 19.52 10.20
C ILE B 138 4.44 20.36 11.26
N ARG B 139 5.14 21.42 11.65
CA ARG B 139 4.72 22.23 12.78
C ARG B 139 3.44 22.93 12.42
N LYS B 140 3.37 23.21 11.13
CA LYS B 140 2.25 23.79 10.51
C LYS B 140 1.15 22.77 10.69
N THR B 141 1.20 21.71 9.91
CA THR B 141 0.08 20.76 9.85
C THR B 141 -0.31 20.21 11.19
N PHE B 142 0.61 20.20 12.16
CA PHE B 142 0.22 19.72 13.48
C PHE B 142 -0.14 20.79 14.46
N ASN B 143 -0.05 22.03 14.01
CA ASN B 143 -0.35 23.18 14.81
C ASN B 143 0.36 23.11 16.17
N ILE B 144 1.62 22.76 16.10
CA ILE B 144 2.51 22.79 17.25
C ILE B 144 3.34 24.06 17.14
N LYS B 145 3.57 24.74 18.28
CA LYS B 145 4.28 26.04 18.26
C LYS B 145 5.79 25.88 18.31
N ASN B 146 6.47 26.77 17.57
CA ASN B 146 7.93 26.84 17.58
C ASN B 146 8.58 27.34 18.88
N ASP B 147 8.55 26.47 19.87
CA ASP B 147 9.52 26.41 20.93
C ASP B 147 10.88 27.12 20.78
N PHE B 148 11.42 27.30 19.58
CA PHE B 148 12.88 27.47 19.47
C PHE B 148 13.52 28.88 19.52
N THR B 149 14.37 29.11 20.54
CA THR B 149 15.27 30.31 20.65
C THR B 149 16.29 30.55 19.48
N GLU B 150 17.48 31.03 19.87
CA GLU B 150 18.80 30.77 19.20
C GLU B 150 18.88 30.65 17.67
N GLU B 151 19.82 29.77 17.30
CA GLU B 151 19.85 29.01 16.04
C GLU B 151 18.93 27.77 16.13
N GLU B 152 19.38 26.65 15.53
CA GLU B 152 18.73 25.34 15.69
C GLU B 152 19.66 24.09 15.38
N GLU B 153 20.51 23.66 16.34
CA GLU B 153 21.70 22.79 16.08
C GLU B 153 21.58 22.09 14.74
N ALA B 154 22.38 22.52 13.78
CA ALA B 154 22.49 21.82 12.52
C ALA B 154 23.82 21.01 12.43
N GLN B 155 23.76 19.67 12.51
CA GLN B 155 24.91 18.81 12.13
C GLN B 155 24.57 18.00 10.85
N VAL B 156 25.56 17.59 10.04
CA VAL B 156 25.31 16.59 8.96
C VAL B 156 25.39 15.11 9.38
N ARG B 157 24.25 14.42 9.15
CA ARG B 157 23.93 13.04 9.59
C ARG B 157 24.61 12.59 10.94
N GLU C 49 -0.96 -22.83 0.10
CA GLU C 49 -1.55 -23.93 0.91
C GLU C 49 -2.39 -24.83 0.03
N TYR C 50 -3.70 -24.60 0.07
CA TYR C 50 -4.67 -25.25 -0.82
C TYR C 50 -5.14 -24.21 -1.80
N LEU C 51 -5.16 -22.97 -1.33
CA LEU C 51 -5.85 -21.95 -2.05
C LEU C 51 -5.52 -21.95 -3.53
N ALA C 52 -4.28 -21.58 -3.86
CA ALA C 52 -3.78 -21.42 -5.23
C ALA C 52 -3.71 -22.72 -6.06
N GLU C 53 -4.53 -23.71 -5.66
CA GLU C 53 -4.65 -25.02 -6.33
C GLU C 53 -6.11 -25.41 -6.37
N LEU C 54 -6.88 -24.51 -6.98
CA LEU C 54 -8.33 -24.44 -6.92
C LEU C 54 -8.68 -23.84 -8.26
N PRO C 55 -9.66 -24.39 -8.96
CA PRO C 55 -9.69 -24.01 -10.35
C PRO C 55 -10.01 -22.53 -10.53
N GLU C 56 -9.29 -21.88 -11.42
CA GLU C 56 -9.53 -20.49 -11.72
C GLU C 56 -10.95 -19.97 -11.46
N PRO C 57 -11.98 -20.45 -12.18
CA PRO C 57 -13.32 -19.91 -11.96
C PRO C 57 -13.76 -19.67 -10.51
N LEU C 58 -13.33 -20.51 -9.60
CA LEU C 58 -13.78 -20.35 -8.25
C LEU C 58 -13.01 -19.22 -7.67
N LEU C 59 -11.72 -19.24 -7.93
CA LEU C 59 -10.88 -18.16 -7.48
C LEU C 59 -11.52 -16.83 -7.84
N LEU C 60 -12.00 -16.71 -9.05
CA LEU C 60 -12.76 -15.53 -9.37
C LEU C 60 -13.90 -15.27 -8.38
N ARG C 61 -14.71 -16.28 -8.09
CA ARG C 61 -15.88 -16.08 -7.28
C ARG C 61 -15.46 -15.44 -5.98
N VAL C 62 -14.37 -15.96 -5.42
CA VAL C 62 -13.80 -15.42 -4.21
C VAL C 62 -13.42 -14.04 -4.55
N LEU C 63 -12.42 -13.90 -5.37
CA LEU C 63 -11.96 -12.59 -5.70
C LEU C 63 -13.12 -11.64 -6.01
N ALA C 64 -14.05 -12.05 -6.88
CA ALA C 64 -15.19 -11.23 -7.25
C ALA C 64 -15.78 -10.48 -6.08
N GLU C 65 -15.63 -11.04 -4.89
CA GLU C 65 -16.20 -10.50 -3.70
C GLU C 65 -15.61 -9.18 -3.22
N LEU C 66 -14.42 -8.86 -3.61
CA LEU C 66 -13.80 -7.74 -2.98
C LEU C 66 -14.05 -6.39 -3.65
N PRO C 67 -13.99 -5.32 -2.88
CA PRO C 67 -13.76 -3.93 -3.28
C PRO C 67 -12.71 -3.71 -4.35
N ALA C 68 -13.11 -3.15 -5.48
CA ALA C 68 -12.15 -2.93 -6.55
C ALA C 68 -10.91 -2.23 -6.03
N THR C 69 -11.10 -1.18 -5.25
CA THR C 69 -9.98 -0.53 -4.59
C THR C 69 -8.94 -1.59 -4.19
N GLU C 70 -9.39 -2.63 -3.49
CA GLU C 70 -8.50 -3.63 -2.93
C GLU C 70 -7.99 -4.65 -3.89
N LEU C 71 -8.71 -4.87 -5.00
CA LEU C 71 -8.21 -5.75 -6.04
C LEU C 71 -7.02 -5.11 -6.72
N VAL C 72 -7.21 -3.84 -7.06
CA VAL C 72 -6.18 -3.12 -7.74
C VAL C 72 -5.08 -2.89 -6.76
N GLN C 73 -5.44 -2.35 -5.61
CA GLN C 73 -4.44 -1.97 -4.64
C GLN C 73 -3.72 -3.12 -4.05
N ALA C 74 -4.41 -4.07 -3.44
CA ALA C 74 -3.70 -5.05 -2.66
C ALA C 74 -3.46 -6.35 -3.38
N CYS C 75 -4.49 -6.85 -4.03
CA CYS C 75 -4.44 -8.17 -4.56
C CYS C 75 -3.45 -8.27 -5.67
N ARG C 76 -3.27 -7.16 -6.37
CA ARG C 76 -2.41 -7.22 -7.51
C ARG C 76 -0.99 -7.29 -7.06
N LEU C 77 -0.78 -7.38 -5.75
CA LEU C 77 0.56 -7.31 -5.20
C LEU C 77 0.94 -8.55 -4.44
N VAL C 78 -0.03 -9.42 -4.27
CA VAL C 78 0.11 -10.64 -3.53
C VAL C 78 0.98 -11.62 -4.23
N CYS C 79 0.64 -11.93 -5.47
CA CYS C 79 1.45 -12.83 -6.24
C CYS C 79 1.20 -12.59 -7.72
N LEU C 80 2.06 -13.17 -8.53
CA LEU C 80 1.89 -13.12 -9.95
C LEU C 80 0.51 -13.55 -10.47
N ARG C 81 0.09 -14.78 -10.16
CA ARG C 81 -1.16 -15.26 -10.74
C ARG C 81 -2.27 -14.29 -10.41
N TRP C 82 -2.40 -14.01 -9.12
CA TRP C 82 -3.38 -13.10 -8.67
C TRP C 82 -3.41 -11.84 -9.50
N LYS C 83 -2.26 -11.19 -9.68
CA LYS C 83 -2.19 -10.00 -10.54
C LYS C 83 -2.62 -10.23 -12.01
N GLU C 84 -1.89 -11.09 -12.69
CA GLU C 84 -2.27 -11.55 -14.01
C GLU C 84 -3.79 -11.82 -13.95
N LEU C 85 -4.32 -12.15 -12.77
CA LEU C 85 -5.77 -12.36 -12.59
C LEU C 85 -6.65 -11.11 -12.46
N VAL C 86 -6.22 -10.20 -11.59
CA VAL C 86 -6.85 -8.89 -11.42
C VAL C 86 -6.93 -8.23 -12.77
N ASP C 87 -5.98 -8.59 -13.62
CA ASP C 87 -5.95 -7.97 -14.93
C ASP C 87 -6.65 -8.87 -15.91
N GLY C 88 -7.34 -9.89 -15.40
CA GLY C 88 -8.28 -10.68 -16.20
C GLY C 88 -9.39 -9.79 -16.74
N ALA C 89 -9.91 -10.10 -17.93
CA ALA C 89 -11.18 -9.49 -18.30
C ALA C 89 -12.31 -10.13 -17.49
N PRO C 90 -12.29 -11.48 -17.39
CA PRO C 90 -13.28 -12.23 -16.66
C PRO C 90 -13.54 -11.72 -15.24
N LEU C 91 -12.48 -11.36 -14.51
CA LEU C 91 -12.65 -10.97 -13.14
C LEU C 91 -13.54 -9.77 -12.99
N TRP C 92 -13.32 -8.77 -13.82
CA TRP C 92 -14.16 -7.57 -13.81
C TRP C 92 -15.46 -7.82 -14.44
N LEU C 93 -15.38 -8.45 -15.60
CA LEU C 93 -16.55 -8.92 -16.26
C LEU C 93 -17.61 -9.52 -15.31
N LEU C 94 -17.17 -10.35 -14.37
CA LEU C 94 -18.08 -10.92 -13.40
C LEU C 94 -18.51 -9.82 -12.43
N LYS C 95 -17.54 -9.25 -11.72
CA LYS C 95 -17.88 -8.16 -10.83
C LYS C 95 -18.98 -7.29 -11.41
N CYS C 96 -18.94 -7.12 -12.72
CA CYS C 96 -20.00 -6.42 -13.38
C CYS C 96 -21.33 -7.14 -13.28
N GLN C 97 -21.56 -8.14 -14.12
CA GLN C 97 -22.80 -8.91 -14.10
C GLN C 97 -23.27 -9.15 -12.67
N GLN C 98 -22.33 -9.49 -11.81
CA GLN C 98 -22.67 -9.61 -10.43
C GLN C 98 -23.57 -8.46 -9.91
N GLU C 99 -23.27 -7.23 -10.25
CA GLU C 99 -24.12 -6.14 -9.85
C GLU C 99 -24.57 -5.37 -11.10
N GLY C 100 -25.24 -6.03 -12.05
CA GLY C 100 -26.00 -5.31 -13.09
C GLY C 100 -25.29 -4.44 -14.12
N LEU C 101 -24.27 -3.71 -13.72
CA LEU C 101 -23.55 -2.78 -14.59
C LEU C 101 -23.71 -2.87 -16.08
N VAL C 102 -23.43 -4.02 -16.70
CA VAL C 102 -23.53 -4.12 -18.18
C VAL C 102 -24.78 -3.42 -18.76
N PRO C 103 -24.57 -2.47 -19.73
CA PRO C 103 -25.62 -1.58 -20.29
C PRO C 103 -27.12 -1.92 -20.00
N HIS C 113 -11.72 -2.75 -22.32
CA HIS C 113 -11.26 -2.88 -20.94
C HIS C 113 -12.43 -2.67 -19.96
N TRP C 114 -12.77 -3.72 -19.21
CA TRP C 114 -13.95 -3.70 -18.34
C TRP C 114 -13.70 -3.19 -16.98
N GLN C 115 -12.51 -3.49 -16.46
CA GLN C 115 -12.16 -2.94 -15.17
C GLN C 115 -12.61 -1.48 -15.17
N GLN C 116 -12.06 -0.73 -16.11
CA GLN C 116 -12.38 0.66 -16.25
C GLN C 116 -13.85 0.83 -16.37
N PHE C 117 -14.42 0.21 -17.38
CA PHE C 117 -15.85 0.28 -17.56
C PHE C 117 -16.50 0.17 -16.17
N TYR C 118 -16.09 -0.84 -15.41
CA TYR C 118 -16.64 -1.03 -14.08
C TYR C 118 -16.47 0.24 -13.19
N PHE C 119 -15.24 0.59 -12.88
CA PHE C 119 -15.02 1.76 -12.09
C PHE C 119 -15.81 2.96 -12.54
N LEU C 120 -15.99 3.09 -13.84
CA LEU C 120 -16.61 4.29 -14.35
C LEU C 120 -18.07 4.24 -14.06
N SER C 121 -18.60 3.05 -14.30
CA SER C 121 -19.97 2.70 -14.02
C SER C 121 -20.23 2.86 -12.57
N LYS C 122 -19.19 2.66 -11.78
CA LYS C 122 -19.27 3.01 -10.38
C LYS C 122 -19.37 4.50 -10.14
N ARG C 123 -18.43 5.27 -10.66
CA ARG C 123 -18.40 6.68 -10.36
C ARG C 123 -19.53 7.43 -11.04
N ARG C 124 -19.65 7.25 -12.35
CA ARG C 124 -20.81 7.79 -13.08
C ARG C 124 -21.92 8.44 -12.20
N ARG C 125 -22.11 9.74 -12.35
CA ARG C 125 -23.05 10.56 -11.60
C ARG C 125 -22.87 12.00 -12.11
N ASN C 126 -23.96 12.79 -12.11
CA ASN C 126 -23.91 14.17 -12.58
C ASN C 126 -22.91 14.91 -11.77
N LEU C 127 -21.97 15.57 -12.41
CA LEU C 127 -20.90 16.22 -11.65
C LEU C 127 -21.09 17.69 -11.35
N LEU C 128 -22.18 18.25 -11.84
CA LEU C 128 -22.47 19.66 -11.71
C LEU C 128 -23.17 19.76 -10.43
N ARG C 129 -22.66 20.61 -9.56
CA ARG C 129 -23.31 20.83 -8.29
C ARG C 129 -24.53 21.77 -8.45
N ASN C 130 -25.66 21.31 -7.91
CA ASN C 130 -26.86 22.14 -7.81
C ASN C 130 -27.38 22.69 -9.16
N PRO C 131 -28.10 21.86 -9.90
CA PRO C 131 -28.42 22.13 -11.29
C PRO C 131 -29.60 23.09 -11.51
N CYS C 132 -30.31 23.40 -10.43
CA CYS C 132 -31.63 23.95 -10.59
C CYS C 132 -31.99 25.15 -9.77
N GLY C 133 -31.12 25.47 -8.81
CA GLY C 133 -31.23 26.69 -8.02
C GLY C 133 -31.73 26.38 -6.64
N GLU C 134 -31.75 25.08 -6.36
CA GLU C 134 -32.24 24.55 -5.12
C GLU C 134 -31.49 25.08 -3.95
N GLU C 135 -30.23 25.37 -4.19
CA GLU C 135 -29.54 26.31 -3.34
C GLU C 135 -29.12 27.35 -4.36
N ASP C 136 -29.69 28.54 -4.20
CA ASP C 136 -29.73 29.57 -5.23
C ASP C 136 -28.67 29.48 -6.28
N LEU C 137 -27.57 30.17 -6.09
CA LEU C 137 -26.50 29.97 -6.99
C LEU C 137 -25.49 29.37 -6.16
N GLU C 138 -25.90 28.39 -5.39
CA GLU C 138 -24.93 27.57 -4.71
C GLU C 138 -23.92 27.14 -5.75
N GLY C 139 -22.65 27.53 -5.54
CA GLY C 139 -21.48 27.01 -6.28
C GLY C 139 -21.44 27.12 -7.80
N TRP C 140 -22.27 27.99 -8.35
CA TRP C 140 -22.14 28.52 -9.71
C TRP C 140 -21.12 29.65 -9.65
N SER C 141 -20.65 30.20 -10.76
CA SER C 141 -19.68 31.27 -10.63
C SER C 141 -19.35 31.99 -11.92
N ASP C 142 -18.59 33.07 -11.81
CA ASP C 142 -18.40 33.98 -12.92
C ASP C 142 -19.75 34.45 -13.39
N VAL C 143 -20.78 33.96 -12.69
CA VAL C 143 -22.08 34.61 -12.63
C VAL C 143 -22.00 36.07 -13.05
N GLU C 144 -22.52 36.38 -14.20
CA GLU C 144 -22.61 37.78 -14.43
C GLU C 144 -24.07 38.19 -14.62
N HIS C 145 -24.44 39.22 -13.85
CA HIS C 145 -25.82 39.62 -13.68
C HIS C 145 -26.13 40.76 -14.63
N GLY C 146 -26.51 40.47 -15.87
CA GLY C 146 -27.00 41.53 -16.78
C GLY C 146 -28.40 41.90 -16.35
N GLY C 147 -28.73 43.19 -16.32
CA GLY C 147 -30.09 43.63 -15.92
C GLY C 147 -30.49 43.34 -14.48
N ASP C 148 -31.64 42.69 -14.30
CA ASP C 148 -32.13 42.41 -12.96
C ASP C 148 -31.46 41.20 -12.29
N GLY C 149 -30.45 40.65 -12.98
CA GLY C 149 -29.73 39.44 -12.56
C GLY C 149 -30.42 38.11 -12.87
N TRP C 150 -29.91 37.04 -12.27
CA TRP C 150 -30.57 35.73 -12.26
C TRP C 150 -31.77 35.75 -11.29
N LYS C 151 -32.68 34.75 -11.34
CA LYS C 151 -33.69 34.56 -10.25
C LYS C 151 -34.32 33.18 -10.30
N VAL C 152 -34.43 32.54 -9.13
CA VAL C 152 -35.00 31.20 -9.02
C VAL C 152 -36.49 31.25 -8.80
N GLU C 153 -37.24 30.78 -9.78
CA GLU C 153 -38.67 30.75 -9.71
C GLU C 153 -39.11 29.29 -9.60
N GLU C 154 -40.41 29.03 -9.65
CA GLU C 154 -40.97 27.70 -9.43
C GLU C 154 -41.67 27.20 -10.64
N LEU C 155 -41.40 25.95 -10.99
CA LEU C 155 -42.24 25.28 -11.97
C LEU C 155 -43.70 25.26 -11.50
N PRO C 156 -44.65 25.45 -12.45
CA PRO C 156 -44.33 25.71 -13.87
C PRO C 156 -44.02 27.16 -13.96
N GLY C 157 -43.45 27.59 -15.07
CA GLY C 157 -43.26 29.02 -15.23
C GLY C 157 -44.51 29.87 -14.90
N ASP C 158 -44.25 31.06 -14.32
CA ASP C 158 -45.20 32.19 -14.28
C ASP C 158 -45.51 32.54 -15.72
N ASN C 159 -46.53 31.88 -16.22
CA ASN C 159 -46.76 31.79 -17.63
C ASN C 159 -45.59 31.13 -18.36
N GLY C 160 -45.61 29.79 -18.36
CA GLY C 160 -44.56 28.96 -18.97
C GLY C 160 -44.63 27.52 -18.47
N VAL C 161 -44.67 26.55 -19.39
CA VAL C 161 -45.06 25.15 -19.05
C VAL C 161 -44.17 24.37 -18.06
N GLU C 162 -44.78 23.34 -17.50
CA GLU C 162 -44.17 22.55 -16.46
C GLU C 162 -43.26 21.52 -17.10
N PHE C 163 -42.40 20.95 -16.27
CA PHE C 163 -41.45 19.91 -16.69
C PHE C 163 -42.07 18.53 -17.02
N THR C 164 -41.36 17.74 -17.82
CA THR C 164 -41.81 16.43 -18.19
C THR C 164 -40.74 15.41 -17.79
N GLN C 165 -39.77 15.16 -18.69
CA GLN C 165 -38.85 13.99 -18.62
C GLN C 165 -37.83 14.10 -17.47
N ASP C 166 -38.42 14.59 -16.36
CA ASP C 166 -38.12 14.32 -14.94
C ASP C 166 -38.98 15.25 -14.11
N ASP C 167 -39.45 14.79 -12.95
CA ASP C 167 -40.29 15.64 -12.10
C ASP C 167 -39.87 15.60 -10.66
N SER C 168 -38.57 15.51 -10.46
CA SER C 168 -37.98 15.90 -9.19
C SER C 168 -37.53 17.37 -9.31
N VAL C 169 -37.82 17.96 -10.47
CA VAL C 169 -37.45 19.33 -10.81
C VAL C 169 -38.53 20.34 -10.47
N LYS C 170 -38.24 21.10 -9.43
CA LYS C 170 -39.15 22.08 -8.84
C LYS C 170 -38.86 23.53 -9.28
N LYS C 171 -37.61 23.75 -9.67
CA LYS C 171 -37.02 25.10 -9.77
C LYS C 171 -36.14 25.31 -11.01
N TYR C 172 -35.81 26.56 -11.29
CA TYR C 172 -35.07 26.90 -12.47
C TYR C 172 -34.76 28.36 -12.37
N PHE C 173 -33.69 28.79 -13.04
CA PHE C 173 -33.24 30.18 -13.07
C PHE C 173 -33.87 30.94 -14.23
N ALA C 174 -34.21 32.20 -14.01
CA ALA C 174 -34.80 33.04 -15.04
C ALA C 174 -33.93 34.25 -15.29
N SER C 175 -33.77 34.65 -16.54
CA SER C 175 -32.86 35.75 -16.84
C SER C 175 -33.53 37.09 -17.20
N SER C 176 -32.77 38.19 -17.09
CA SER C 176 -33.28 39.58 -17.22
C SER C 176 -33.34 40.10 -18.65
N PHE C 177 -33.14 41.41 -18.83
CA PHE C 177 -33.31 42.05 -20.13
C PHE C 177 -31.96 42.21 -20.76
N GLU C 178 -30.93 41.79 -20.01
CA GLU C 178 -29.57 41.63 -20.57
C GLU C 178 -28.98 40.23 -20.34
N TRP C 179 -27.79 39.97 -20.88
CA TRP C 179 -27.16 38.68 -20.70
C TRP C 179 -26.94 38.27 -19.27
N CYS C 180 -27.24 37.01 -18.99
CA CYS C 180 -26.95 36.40 -17.71
C CYS C 180 -26.12 35.19 -17.97
N ARG C 181 -25.02 35.05 -17.26
CA ARG C 181 -24.23 33.87 -17.47
C ARG C 181 -23.77 33.38 -16.16
N LYS C 182 -23.88 32.08 -15.98
CA LYS C 182 -23.23 31.45 -14.86
C LYS C 182 -22.38 30.33 -15.38
N ALA C 183 -21.51 29.82 -14.50
CA ALA C 183 -20.49 28.84 -14.86
C ALA C 183 -20.08 27.93 -13.72
N GLN C 184 -19.51 26.79 -14.11
CA GLN C 184 -18.93 25.80 -13.21
C GLN C 184 -17.71 25.11 -13.80
N VAL C 185 -16.71 24.94 -12.98
CA VAL C 185 -15.57 24.20 -13.44
C VAL C 185 -15.48 22.86 -12.72
N ILE C 186 -15.12 21.80 -13.41
CA ILE C 186 -15.15 20.53 -12.73
C ILE C 186 -13.78 19.93 -12.69
N ASP C 187 -13.33 19.66 -11.47
CA ASP C 187 -12.13 18.90 -11.29
C ASP C 187 -12.39 17.39 -11.48
N LEU C 188 -11.97 16.89 -12.64
CA LEU C 188 -12.14 15.51 -13.02
C LEU C 188 -11.45 14.55 -12.07
N GLN C 189 -10.18 14.82 -11.75
CA GLN C 189 -9.44 14.05 -10.77
C GLN C 189 -10.05 14.19 -9.38
N ALA C 190 -10.40 15.41 -9.00
CA ALA C 190 -11.02 15.62 -7.72
C ALA C 190 -12.37 14.91 -7.63
N GLU C 191 -12.98 14.59 -8.77
CA GLU C 191 -14.16 13.71 -8.78
C GLU C 191 -13.81 12.20 -8.79
N GLY C 192 -12.53 11.92 -8.99
CA GLY C 192 -12.04 10.56 -9.04
C GLY C 192 -11.85 10.06 -10.45
N TYR C 193 -11.30 10.87 -11.32
CA TYR C 193 -11.05 10.43 -12.66
C TYR C 193 -9.59 10.66 -13.03
N TRP C 194 -8.78 9.59 -13.07
CA TRP C 194 -7.32 9.73 -13.13
C TRP C 194 -6.75 9.97 -14.55
N GLU C 195 -5.53 10.51 -14.59
CA GLU C 195 -4.90 10.94 -15.84
C GLU C 195 -4.76 9.83 -16.85
N GLU C 196 -4.32 8.65 -16.40
CA GLU C 196 -4.03 7.54 -17.32
C GLU C 196 -5.29 7.04 -18.05
N LEU C 197 -6.46 7.43 -17.55
CA LEU C 197 -7.71 7.02 -18.16
C LEU C 197 -8.24 8.15 -19.05
N LEU C 198 -8.03 9.36 -18.57
CA LEU C 198 -8.49 10.49 -19.28
C LEU C 198 -7.70 10.50 -20.57
N ASP C 199 -6.38 10.30 -20.43
CA ASP C 199 -5.46 10.39 -21.56
C ASP C 199 -5.41 9.13 -22.41
N THR C 200 -5.63 7.97 -21.79
CA THR C 200 -5.69 6.75 -22.58
C THR C 200 -7.06 6.41 -23.12
N THR C 201 -8.05 6.48 -22.24
CA THR C 201 -9.35 5.97 -22.57
C THR C 201 -10.19 7.02 -23.25
N GLN C 202 -10.10 8.26 -22.73
CA GLN C 202 -10.88 9.40 -23.20
C GLN C 202 -12.34 9.05 -23.25
N PRO C 203 -12.87 8.63 -22.11
CA PRO C 203 -14.25 8.21 -22.07
C PRO C 203 -15.12 9.40 -22.33
N ALA C 204 -16.35 9.14 -22.76
CA ALA C 204 -17.15 10.17 -23.35
C ALA C 204 -17.71 11.05 -22.29
N ILE C 205 -17.34 12.33 -22.30
CA ILE C 205 -17.97 13.31 -21.44
C ILE C 205 -19.22 13.86 -22.12
N VAL C 206 -20.28 13.95 -21.34
CA VAL C 206 -21.58 14.24 -21.87
C VAL C 206 -22.16 15.47 -21.20
N VAL C 207 -22.63 16.44 -21.98
CA VAL C 207 -23.19 17.64 -21.41
C VAL C 207 -24.61 17.84 -21.84
N LYS C 208 -25.45 18.14 -20.88
CA LYS C 208 -26.85 18.28 -21.15
C LYS C 208 -27.38 19.48 -20.44
N ASP C 209 -28.34 20.18 -21.02
CA ASP C 209 -28.91 21.33 -20.34
C ASP C 209 -30.28 21.58 -20.92
N TRP C 210 -31.24 21.92 -20.04
CA TRP C 210 -32.60 22.29 -20.47
C TRP C 210 -32.90 23.76 -20.39
N TYR C 211 -33.63 24.24 -21.36
CA TYR C 211 -33.98 25.62 -21.39
C TYR C 211 -35.27 25.84 -22.12
N SER C 212 -35.97 26.93 -21.77
CA SER C 212 -37.20 27.28 -22.46
C SER C 212 -37.51 28.75 -22.38
N GLY C 213 -38.56 29.10 -23.09
CA GLY C 213 -38.99 30.46 -23.15
C GLY C 213 -40.05 30.80 -22.13
N ARG C 214 -40.51 32.05 -22.22
CA ARG C 214 -41.84 32.47 -21.82
C ARG C 214 -42.72 32.51 -23.09
N THR C 215 -44.03 32.35 -22.92
CA THR C 215 -44.88 32.34 -24.10
C THR C 215 -45.00 33.77 -24.55
N ASP C 216 -45.01 34.65 -23.54
CA ASP C 216 -45.31 36.05 -23.75
C ASP C 216 -44.17 36.92 -24.31
N ALA C 217 -42.92 36.43 -24.30
CA ALA C 217 -41.79 37.25 -24.74
C ALA C 217 -40.54 36.52 -25.23
N GLY C 218 -40.03 37.00 -26.37
CA GLY C 218 -38.85 36.47 -27.07
C GLY C 218 -37.56 36.42 -26.25
N SER C 219 -37.01 35.20 -26.14
CA SER C 219 -35.81 34.87 -25.35
C SER C 219 -34.66 34.26 -26.15
N LEU C 220 -33.50 34.17 -25.51
CA LEU C 220 -32.31 33.64 -26.15
C LEU C 220 -31.39 32.86 -25.22
N TYR C 221 -30.85 31.78 -25.76
CA TYR C 221 -30.04 30.84 -24.99
C TYR C 221 -28.64 30.69 -25.54
N GLU C 222 -27.67 30.45 -24.67
CA GLU C 222 -26.32 30.18 -25.10
C GLU C 222 -25.67 29.21 -24.19
N LEU C 223 -24.87 28.36 -24.80
CA LEU C 223 -24.09 27.40 -24.07
C LEU C 223 -22.66 27.40 -24.58
N THR C 224 -21.74 26.94 -23.72
CA THR C 224 -20.30 26.99 -23.97
C THR C 224 -19.52 26.16 -22.99
N VAL C 225 -19.36 24.91 -23.35
CA VAL C 225 -18.66 23.99 -22.51
C VAL C 225 -17.22 23.84 -22.90
N ARG C 226 -16.34 23.64 -21.95
CA ARG C 226 -15.01 23.38 -22.39
C ARG C 226 -14.33 22.29 -21.61
N LEU C 227 -13.38 21.65 -22.28
CA LEU C 227 -12.49 20.68 -21.67
C LEU C 227 -11.12 21.35 -21.58
N LEU C 228 -10.47 21.19 -20.44
CA LEU C 228 -9.31 22.00 -20.16
C LEU C 228 -8.05 21.30 -19.69
N SER C 229 -6.93 21.69 -20.30
CA SER C 229 -5.64 21.20 -19.86
C SER C 229 -5.42 21.83 -18.52
N GLU C 230 -4.98 21.00 -17.59
CA GLU C 230 -4.16 21.42 -16.48
C GLU C 230 -4.00 22.93 -16.24
N ASN C 231 -3.34 23.64 -17.15
CA ASN C 231 -3.21 25.08 -16.97
C ASN C 231 -4.17 25.79 -17.85
N GLU C 232 -5.45 25.54 -17.59
CA GLU C 232 -6.58 26.07 -18.34
C GLU C 232 -6.31 26.21 -19.81
N ASP C 233 -6.08 25.11 -20.46
CA ASP C 233 -5.97 25.27 -21.88
C ASP C 233 -7.19 24.81 -22.61
N VAL C 234 -7.61 25.57 -23.61
CA VAL C 234 -8.79 25.15 -24.32
C VAL C 234 -8.55 23.98 -25.31
N LEU C 235 -8.94 22.80 -24.80
CA LEU C 235 -8.69 21.49 -25.41
C LEU C 235 -9.82 21.00 -26.30
N ALA C 236 -11.00 21.54 -26.06
CA ALA C 236 -12.19 21.27 -26.87
C ALA C 236 -13.33 22.16 -26.40
N GLU C 237 -14.09 22.69 -27.37
CA GLU C 237 -15.12 23.64 -27.06
C GLU C 237 -16.33 23.00 -27.60
N PHE C 238 -17.46 23.35 -27.01
CA PHE C 238 -18.72 23.26 -27.68
C PHE C 238 -19.43 24.54 -27.35
N ALA C 239 -19.78 25.30 -28.36
CA ALA C 239 -20.47 26.56 -28.10
C ALA C 239 -21.73 26.42 -28.86
N THR C 240 -22.79 27.15 -28.50
CA THR C 240 -23.96 27.13 -29.40
C THR C 240 -24.05 28.37 -30.25
N GLY C 241 -23.35 29.45 -29.89
CA GLY C 241 -23.74 30.80 -30.39
C GLY C 241 -25.07 31.11 -29.73
N GLN C 242 -25.65 32.24 -30.01
CA GLN C 242 -26.93 32.55 -29.37
C GLN C 242 -28.03 31.77 -30.07
N VAL C 243 -29.00 31.24 -29.35
CA VAL C 243 -30.13 30.64 -30.06
C VAL C 243 -31.54 31.11 -29.65
N ALA C 244 -32.42 31.07 -30.63
CA ALA C 244 -33.79 31.46 -30.48
C ALA C 244 -34.60 30.46 -29.65
N VAL C 245 -34.80 30.80 -28.37
CA VAL C 245 -35.73 30.05 -27.51
C VAL C 245 -37.15 30.06 -28.12
N PRO C 246 -37.77 28.86 -28.29
CA PRO C 246 -39.10 28.60 -28.86
C PRO C 246 -40.24 29.51 -28.39
N GLU C 247 -40.68 30.42 -29.27
CA GLU C 247 -41.85 31.30 -29.12
C GLU C 247 -42.83 30.91 -28.00
N ASP C 248 -43.31 29.67 -28.09
CA ASP C 248 -44.35 29.11 -27.25
C ASP C 248 -43.86 28.50 -25.90
N GLY C 249 -42.61 28.78 -25.53
CA GLY C 249 -42.03 28.30 -24.26
C GLY C 249 -42.11 26.82 -23.90
N SER C 250 -41.79 25.93 -24.85
CA SER C 250 -41.66 24.47 -24.59
C SER C 250 -40.30 24.30 -23.98
N TRP C 251 -40.06 23.15 -23.35
CA TRP C 251 -38.73 22.90 -22.79
C TRP C 251 -37.77 22.18 -23.74
N MET C 252 -36.73 22.85 -24.24
CA MET C 252 -35.80 22.24 -25.20
C MET C 252 -34.61 21.69 -24.45
N GLU C 253 -34.06 20.58 -24.91
CA GLU C 253 -32.93 20.01 -24.19
C GLU C 253 -31.69 19.70 -25.00
N ILE C 254 -30.64 20.46 -24.71
CA ILE C 254 -29.43 20.46 -25.52
C ILE C 254 -28.31 19.63 -24.85
N SER C 255 -27.59 18.85 -25.69
CA SER C 255 -26.52 17.95 -25.24
C SER C 255 -25.30 18.08 -26.13
N HIS C 256 -24.11 17.81 -25.58
CA HIS C 256 -23.00 17.47 -26.47
C HIS C 256 -22.21 16.45 -25.79
N THR C 257 -21.59 15.60 -26.61
CA THR C 257 -20.77 14.48 -26.18
C THR C 257 -19.35 14.57 -26.69
N PHE C 258 -18.43 14.48 -25.77
CA PHE C 258 -17.07 14.71 -26.12
C PHE C 258 -16.40 13.41 -26.18
N ILE C 259 -15.55 13.22 -27.20
CA ILE C 259 -14.88 11.94 -27.53
C ILE C 259 -13.52 12.20 -28.19
N ASP C 260 -12.73 11.14 -28.38
CA ASP C 260 -11.38 11.26 -28.93
C ASP C 260 -10.82 12.64 -28.75
N TYR C 261 -10.98 13.21 -27.56
CA TYR C 261 -10.67 14.63 -27.38
C TYR C 261 -9.21 14.86 -27.13
N GLY C 262 -8.55 13.84 -26.60
CA GLY C 262 -7.14 13.95 -26.47
C GLY C 262 -6.69 14.01 -25.06
N PRO C 263 -5.39 13.94 -24.89
CA PRO C 263 -4.88 13.62 -23.59
C PRO C 263 -4.45 14.85 -22.84
N GLY C 264 -5.04 15.09 -21.68
CA GLY C 264 -4.58 16.18 -20.85
C GLY C 264 -5.73 16.92 -20.21
N VAL C 265 -6.95 16.63 -20.64
CA VAL C 265 -8.15 17.17 -20.00
C VAL C 265 -8.10 16.88 -18.49
N ARG C 266 -8.44 17.85 -17.66
CA ARG C 266 -8.46 17.65 -16.21
C ARG C 266 -9.63 18.37 -15.63
N PHE C 267 -10.26 19.16 -16.49
CA PHE C 267 -11.31 20.08 -16.11
C PHE C 267 -12.36 20.24 -17.17
N VAL C 268 -13.61 20.37 -16.71
CA VAL C 268 -14.73 20.74 -17.59
C VAL C 268 -15.34 22.05 -17.18
N ARG C 269 -15.53 22.92 -18.15
CA ARG C 269 -16.07 24.20 -17.81
C ARG C 269 -17.45 24.39 -18.38
N PHE C 270 -18.43 24.27 -17.50
CA PHE C 270 -19.81 24.55 -17.87
C PHE C 270 -20.17 26.01 -17.84
N GLU C 271 -20.76 26.50 -18.92
CA GLU C 271 -21.22 27.86 -18.89
C GLU C 271 -22.30 28.09 -19.88
N HIS C 272 -23.39 28.67 -19.43
CA HIS C 272 -24.50 28.92 -20.30
C HIS C 272 -25.10 30.17 -19.78
N GLY C 273 -26.08 30.68 -20.51
CA GLY C 273 -26.80 31.91 -20.13
C GLY C 273 -27.94 32.34 -21.06
N GLY C 274 -28.57 33.48 -20.75
CA GLY C 274 -29.73 33.96 -21.52
C GLY C 274 -30.36 35.29 -21.11
N GLN C 275 -31.38 35.69 -21.88
CA GLN C 275 -32.02 37.01 -21.75
C GLN C 275 -33.13 37.17 -22.78
N ASP C 276 -33.84 38.28 -22.70
CA ASP C 276 -34.96 38.49 -23.59
C ASP C 276 -34.57 39.31 -24.78
N SER C 277 -35.29 39.08 -25.86
CA SER C 277 -35.13 39.84 -27.06
C SER C 277 -35.92 41.14 -26.98
N VAL C 278 -36.77 41.26 -25.97
CA VAL C 278 -37.70 42.36 -25.95
C VAL C 278 -37.17 43.49 -25.13
N TYR C 279 -36.53 43.18 -24.02
CA TYR C 279 -35.85 44.21 -23.24
C TYR C 279 -36.79 44.90 -22.26
N TRP C 280 -37.17 44.17 -21.21
CA TRP C 280 -38.16 44.58 -20.17
C TRP C 280 -37.59 44.28 -18.81
N LYS C 281 -37.83 45.13 -17.81
CA LYS C 281 -37.39 44.81 -16.44
C LYS C 281 -38.16 43.59 -16.02
N GLY C 282 -37.64 42.84 -15.07
CA GLY C 282 -38.21 41.56 -14.71
C GLY C 282 -37.33 40.40 -15.18
N TRP C 283 -37.97 39.25 -15.39
CA TRP C 283 -37.25 38.05 -15.81
C TRP C 283 -37.96 37.40 -17.00
N PHE C 284 -37.84 38.08 -18.13
CA PHE C 284 -38.47 37.67 -19.38
C PHE C 284 -37.46 37.01 -20.28
N GLY C 285 -36.18 37.16 -19.93
CA GLY C 285 -35.12 36.43 -20.59
C GLY C 285 -35.21 34.94 -20.33
N ALA C 286 -34.42 34.19 -21.10
CA ALA C 286 -34.46 32.74 -21.16
C ALA C 286 -34.35 32.08 -19.80
N ARG C 287 -34.81 30.82 -19.73
CA ARG C 287 -34.82 30.06 -18.47
C ARG C 287 -34.13 28.70 -18.61
N VAL C 288 -33.20 28.46 -17.71
CA VAL C 288 -32.41 27.24 -17.76
C VAL C 288 -32.54 26.41 -16.50
N THR C 289 -32.09 25.16 -16.61
CA THR C 289 -32.22 24.26 -15.50
C THR C 289 -31.84 22.84 -15.83
N ASN C 290 -31.45 22.15 -14.77
CA ASN C 290 -31.34 20.72 -14.77
C ASN C 290 -30.03 20.25 -15.37
N SER C 291 -29.29 21.21 -15.93
CA SER C 291 -27.89 21.09 -16.39
C SER C 291 -27.09 20.03 -15.62
N SER C 292 -26.35 19.22 -16.37
CA SER C 292 -25.75 18.04 -15.81
C SER C 292 -24.62 17.64 -16.69
N VAL C 293 -23.67 16.91 -16.13
CA VAL C 293 -22.42 16.60 -16.80
C VAL C 293 -21.88 15.25 -16.35
N TRP C 294 -21.57 14.39 -17.29
CA TRP C 294 -21.37 13.00 -16.98
C TRP C 294 -20.11 12.50 -17.60
N VAL C 295 -19.51 11.50 -16.96
CA VAL C 295 -18.55 10.65 -17.68
C VAL C 295 -19.11 9.26 -17.88
N GLU C 296 -19.56 9.01 -19.10
CA GLU C 296 -20.24 7.80 -19.41
C GLU C 296 -19.16 6.77 -19.64
N PRO C 297 -19.28 5.64 -18.90
CA PRO C 297 -18.79 4.37 -19.37
C PRO C 297 -19.73 4.01 -20.53
N PRO D 5 -38.03 -42.53 0.23
CA PRO D 5 -37.04 -41.56 -0.15
C PRO D 5 -35.84 -41.64 0.74
N SER D 6 -34.70 -41.87 0.10
CA SER D 6 -33.37 -42.00 0.72
C SER D 6 -32.30 -42.29 -0.34
N ILE D 7 -31.38 -41.38 -0.59
CA ILE D 7 -30.36 -41.77 -1.55
C ILE D 7 -29.05 -42.16 -0.86
N LYS D 8 -28.42 -43.21 -1.42
CA LYS D 8 -27.12 -43.70 -0.97
C LYS D 8 -26.04 -43.03 -1.77
N LEU D 9 -25.10 -42.42 -1.06
CA LEU D 9 -24.06 -41.66 -1.68
C LEU D 9 -22.82 -42.20 -1.12
N GLN D 10 -21.86 -42.49 -1.97
CA GLN D 10 -20.59 -43.10 -1.54
C GLN D 10 -19.39 -42.19 -1.70
N SER D 11 -18.61 -42.02 -0.61
CA SER D 11 -17.43 -41.15 -0.65
C SER D 11 -16.23 -41.78 -1.35
N SER D 12 -15.15 -41.03 -1.43
CA SER D 12 -13.96 -41.52 -2.14
C SER D 12 -13.33 -42.71 -1.41
N ASP D 13 -12.99 -42.50 -0.14
CA ASP D 13 -12.68 -43.57 0.74
C ASP D 13 -14.00 -44.29 1.08
N GLY D 14 -14.31 -45.35 0.33
CA GLY D 14 -15.39 -46.30 0.64
C GLY D 14 -16.67 -45.87 1.33
N GLU D 15 -16.65 -44.99 2.34
CA GLU D 15 -17.86 -44.80 3.12
C GLU D 15 -19.15 -44.46 2.36
N ILE D 16 -20.24 -45.11 2.80
CA ILE D 16 -21.61 -44.96 2.22
C ILE D 16 -22.48 -44.18 3.20
N PHE D 17 -23.36 -43.34 2.64
CA PHE D 17 -24.16 -42.38 3.40
C PHE D 17 -25.55 -42.33 2.94
N GLU D 18 -26.47 -42.48 3.86
CA GLU D 18 -27.82 -42.33 3.41
C GLU D 18 -28.34 -40.95 3.70
N VAL D 19 -28.81 -40.29 2.65
CA VAL D 19 -29.60 -39.11 2.86
C VAL D 19 -30.96 -39.25 2.23
N ASP D 20 -31.91 -38.73 3.00
CA ASP D 20 -33.20 -38.37 2.54
C ASP D 20 -33.00 -37.57 1.26
N VAL D 21 -33.75 -37.95 0.24
CA VAL D 21 -33.71 -37.22 -1.01
C VAL D 21 -34.20 -35.80 -0.83
N GLU D 22 -35.14 -35.62 0.06
CA GLU D 22 -35.61 -34.33 0.42
C GLU D 22 -34.46 -33.34 0.58
N ILE D 23 -33.43 -33.73 1.34
CA ILE D 23 -32.38 -32.79 1.68
C ILE D 23 -31.19 -32.87 0.71
N ALA D 24 -30.96 -34.02 0.08
CA ALA D 24 -30.17 -34.03 -1.17
C ALA D 24 -31.04 -33.24 -2.13
N LYS D 25 -30.85 -33.36 -3.43
CA LYS D 25 -31.77 -32.71 -4.34
C LYS D 25 -31.53 -31.25 -4.13
N GLN D 26 -30.86 -30.93 -3.04
CA GLN D 26 -30.46 -29.57 -2.74
C GLN D 26 -29.19 -29.34 -3.50
N SER D 27 -28.46 -30.42 -3.70
CA SER D 27 -27.44 -30.39 -4.70
C SER D 27 -28.16 -30.40 -6.00
N VAL D 28 -27.94 -29.41 -6.83
CA VAL D 28 -28.53 -29.48 -8.15
C VAL D 28 -27.96 -30.61 -8.97
N THR D 29 -26.64 -30.81 -8.91
CA THR D 29 -26.05 -31.75 -9.82
C THR D 29 -26.56 -33.11 -9.53
N ILE D 30 -26.83 -33.41 -8.26
CA ILE D 30 -27.44 -34.71 -7.91
C ILE D 30 -28.92 -34.77 -8.23
N LYS D 31 -29.61 -33.65 -8.05
CA LYS D 31 -31.02 -33.59 -8.31
C LYS D 31 -31.22 -33.90 -9.79
N THR D 32 -30.56 -33.16 -10.67
CA THR D 32 -30.79 -33.36 -12.10
C THR D 32 -30.48 -34.79 -12.45
N MET D 33 -29.58 -35.39 -11.69
CA MET D 33 -29.19 -36.76 -11.90
C MET D 33 -30.30 -37.76 -11.62
N LEU D 34 -31.16 -37.42 -10.65
CA LEU D 34 -32.25 -38.26 -10.19
C LEU D 34 -33.24 -38.54 -11.27
N GLU D 35 -34.05 -37.56 -11.67
CA GLU D 35 -34.74 -37.71 -12.97
C GLU D 35 -33.60 -37.75 -13.94
N ASP D 36 -33.81 -38.32 -15.10
CA ASP D 36 -32.69 -38.85 -15.87
C ASP D 36 -32.52 -40.28 -15.39
N ASP D 46 -27.51 -49.44 -5.49
CA ASP D 46 -27.52 -48.19 -6.22
C ASP D 46 -26.94 -47.06 -5.38
N PRO D 47 -25.65 -47.18 -5.00
CA PRO D 47 -25.03 -45.97 -4.41
C PRO D 47 -24.57 -45.07 -5.57
N VAL D 48 -24.50 -43.76 -5.32
CA VAL D 48 -23.86 -42.86 -6.27
C VAL D 48 -22.44 -42.64 -5.77
N PRO D 49 -21.46 -42.87 -6.64
CA PRO D 49 -20.09 -42.69 -6.22
C PRO D 49 -19.67 -41.21 -6.35
N LEU D 50 -18.87 -40.79 -5.37
CA LEU D 50 -18.24 -39.48 -5.40
C LEU D 50 -16.80 -39.68 -4.97
N PRO D 51 -15.94 -40.00 -5.93
CA PRO D 51 -14.59 -40.41 -5.57
C PRO D 51 -13.65 -39.19 -5.64
N ASN D 52 -14.14 -38.07 -5.13
CA ASN D 52 -13.42 -36.81 -5.20
C ASN D 52 -13.76 -36.00 -3.96
N VAL D 53 -14.66 -36.56 -3.14
CA VAL D 53 -14.92 -36.03 -1.81
C VAL D 53 -14.59 -37.11 -0.83
N ASN D 54 -13.76 -36.78 0.14
CA ASN D 54 -13.67 -37.72 1.21
C ASN D 54 -14.87 -37.49 2.09
N ALA D 55 -15.14 -38.48 2.93
CA ALA D 55 -16.35 -38.57 3.71
C ALA D 55 -16.33 -37.63 4.89
N ALA D 56 -15.24 -36.89 5.06
CA ALA D 56 -15.24 -35.88 6.11
C ALA D 56 -15.91 -34.65 5.54
N ILE D 57 -15.52 -34.28 4.35
CA ILE D 57 -16.25 -33.25 3.71
C ILE D 57 -17.67 -33.77 3.50
N LEU D 58 -17.83 -34.92 2.87
CA LEU D 58 -19.13 -35.36 2.44
C LEU D 58 -20.15 -35.18 3.55
N LYS D 59 -19.76 -35.67 4.72
CA LYS D 59 -20.44 -35.46 6.00
C LYS D 59 -20.95 -34.03 6.15
N LYS D 60 -19.99 -33.13 6.32
CA LYS D 60 -20.20 -31.68 6.50
C LYS D 60 -21.21 -31.11 5.49
N VAL D 61 -20.94 -31.33 4.20
CA VAL D 61 -21.88 -31.08 3.13
C VAL D 61 -23.28 -31.44 3.53
N ILE D 62 -23.48 -32.74 3.75
CA ILE D 62 -24.84 -33.23 3.90
C ILE D 62 -25.46 -32.57 5.11
N GLN D 63 -24.61 -32.15 6.06
CA GLN D 63 -25.07 -31.36 7.20
C GLN D 63 -25.63 -30.04 6.70
N TRP D 64 -24.76 -29.29 6.06
CA TRP D 64 -25.22 -28.07 5.48
C TRP D 64 -26.49 -28.32 4.73
N CYS D 65 -26.66 -29.52 4.20
CA CYS D 65 -27.83 -29.69 3.42
C CYS D 65 -29.02 -29.87 4.30
N THR D 66 -28.88 -30.71 5.34
CA THR D 66 -29.99 -31.00 6.25
C THR D 66 -30.46 -29.72 6.91
N HIS D 67 -29.50 -28.87 7.24
CA HIS D 67 -29.87 -27.66 7.92
C HIS D 67 -30.58 -26.69 7.01
N HIS D 68 -30.38 -26.82 5.71
CA HIS D 68 -31.00 -25.89 4.80
C HIS D 68 -32.10 -26.52 3.98
N LYS D 69 -32.78 -27.53 4.49
CA LYS D 69 -33.70 -28.27 3.62
C LYS D 69 -34.77 -27.37 3.01
N ASP D 70 -34.64 -26.05 3.20
CA ASP D 70 -35.65 -25.09 2.71
C ASP D 70 -35.23 -24.22 1.52
N ASP D 71 -35.37 -22.90 1.59
CA ASP D 71 -34.77 -21.97 0.59
C ASP D 71 -34.73 -22.41 -0.90
N ASP D 86 -22.82 -10.63 1.21
CA ASP D 86 -22.75 -10.49 2.67
C ASP D 86 -24.03 -11.06 3.37
N ASP D 87 -24.37 -10.78 4.62
CA ASP D 87 -23.55 -10.89 5.80
C ASP D 87 -23.24 -12.36 6.07
N ILE D 88 -24.13 -13.25 5.56
CA ILE D 88 -24.12 -14.71 5.82
C ILE D 88 -24.74 -15.12 7.17
N PRO D 89 -25.87 -15.82 7.11
CA PRO D 89 -26.56 -16.40 8.23
C PRO D 89 -25.64 -16.94 9.36
N VAL D 90 -25.90 -16.53 10.58
CA VAL D 90 -25.06 -16.87 11.74
C VAL D 90 -24.60 -18.36 11.88
N TRP D 91 -25.56 -19.25 11.71
CA TRP D 91 -25.31 -20.68 11.76
C TRP D 91 -24.23 -21.08 10.78
N ASP D 92 -24.30 -20.51 9.59
CA ASP D 92 -23.35 -20.78 8.54
C ASP D 92 -22.00 -20.25 8.93
N GLN D 93 -21.95 -18.94 9.16
CA GLN D 93 -20.79 -18.28 9.73
C GLN D 93 -20.01 -19.29 10.53
N GLU D 94 -20.78 -19.95 11.40
CA GLU D 94 -20.36 -20.87 12.44
C GLU D 94 -19.89 -22.22 11.95
N PHE D 95 -20.74 -22.83 11.14
CA PHE D 95 -20.43 -24.03 10.46
C PHE D 95 -19.00 -23.97 9.87
N LEU D 96 -18.77 -22.96 9.00
CA LEU D 96 -17.50 -22.70 8.26
C LEU D 96 -16.43 -22.05 9.09
N LYS D 97 -16.43 -22.35 10.36
CA LYS D 97 -15.41 -21.88 11.21
C LYS D 97 -14.45 -23.07 11.28
N VAL D 98 -13.78 -23.36 10.16
CA VAL D 98 -12.98 -24.60 9.97
C VAL D 98 -11.59 -24.33 9.35
N ASP D 99 -10.70 -25.32 9.40
CA ASP D 99 -9.37 -25.11 8.87
C ASP D 99 -9.38 -24.95 7.35
N GLN D 100 -8.63 -23.95 6.90
CA GLN D 100 -8.43 -23.61 5.50
C GLN D 100 -8.77 -24.81 4.70
N GLY D 101 -7.87 -25.78 4.67
CA GLY D 101 -8.13 -27.01 3.96
C GLY D 101 -9.60 -27.32 3.81
N THR D 102 -10.22 -27.67 4.91
CA THR D 102 -11.57 -28.19 4.83
C THR D 102 -12.41 -27.23 4.04
N LEU D 103 -12.26 -25.93 4.27
CA LEU D 103 -13.02 -24.95 3.50
C LEU D 103 -13.04 -25.27 2.03
N PHE D 104 -11.88 -25.15 1.43
CA PHE D 104 -11.69 -25.31 0.00
C PHE D 104 -12.32 -26.56 -0.50
N GLU D 105 -12.14 -27.61 0.30
CA GLU D 105 -12.67 -28.85 -0.07
C GLU D 105 -14.17 -28.77 -0.09
N LEU D 106 -14.73 -27.82 0.62
CA LEU D 106 -16.14 -27.65 0.46
C LEU D 106 -16.37 -26.84 -0.76
N ILE D 107 -15.69 -25.72 -0.80
CA ILE D 107 -15.96 -24.81 -1.88
C ILE D 107 -15.57 -25.48 -3.18
N LEU D 108 -15.12 -26.73 -3.08
CA LEU D 108 -14.86 -27.57 -4.25
C LEU D 108 -15.94 -28.53 -4.56
N ALA D 109 -16.32 -29.26 -3.53
CA ALA D 109 -17.43 -30.18 -3.62
C ALA D 109 -18.72 -29.46 -3.94
N ALA D 110 -18.99 -28.44 -3.13
CA ALA D 110 -20.10 -27.55 -3.30
C ALA D 110 -20.27 -27.18 -4.75
N ASN D 111 -19.23 -26.58 -5.35
CA ASN D 111 -19.21 -26.34 -6.81
C ASN D 111 -19.60 -27.58 -7.67
N TYR D 112 -18.91 -28.68 -7.40
CA TYR D 112 -19.10 -29.85 -8.18
C TYR D 112 -20.55 -30.31 -8.08
N LEU D 113 -21.08 -30.40 -6.86
CA LEU D 113 -22.50 -30.72 -6.63
C LEU D 113 -23.53 -29.62 -6.95
N ASP D 114 -23.07 -28.43 -7.33
CA ASP D 114 -23.96 -27.34 -7.70
C ASP D 114 -24.93 -27.23 -6.54
N ILE D 115 -24.39 -26.94 -5.37
CA ILE D 115 -25.20 -26.56 -4.22
C ILE D 115 -25.09 -25.07 -4.23
N LYS D 116 -25.90 -24.50 -5.14
CA LYS D 116 -25.70 -23.13 -5.66
C LYS D 116 -25.54 -22.27 -4.37
N GLY D 117 -26.32 -22.58 -3.34
CA GLY D 117 -26.30 -21.84 -2.09
C GLY D 117 -25.03 -21.87 -1.26
N LEU D 118 -24.53 -23.08 -1.01
CA LEU D 118 -23.39 -23.29 -0.13
C LEU D 118 -22.14 -22.61 -0.65
N LEU D 119 -21.94 -22.71 -1.96
CA LEU D 119 -20.72 -22.19 -2.55
C LEU D 119 -20.55 -20.73 -2.22
N ASP D 120 -21.63 -19.99 -2.44
CA ASP D 120 -21.68 -18.57 -2.17
C ASP D 120 -21.10 -18.29 -0.79
N VAL D 121 -21.83 -18.75 0.20
CA VAL D 121 -21.52 -18.50 1.57
C VAL D 121 -20.14 -19.03 1.95
N THR D 122 -19.67 -20.05 1.25
CA THR D 122 -18.33 -20.53 1.47
C THR D 122 -17.31 -19.57 0.83
N CYS D 123 -17.60 -19.18 -0.40
CA CYS D 123 -16.75 -18.26 -1.11
C CYS D 123 -16.66 -16.93 -0.45
N LYS D 124 -17.73 -16.51 0.22
CA LYS D 124 -17.62 -15.27 0.87
C LYS D 124 -16.70 -15.45 2.02
N THR D 125 -16.97 -16.44 2.83
CA THR D 125 -16.12 -16.73 4.03
C THR D 125 -14.61 -16.53 3.79
N VAL D 126 -14.13 -17.05 2.65
CA VAL D 126 -12.75 -16.87 2.20
C VAL D 126 -12.48 -15.43 1.90
N ALA D 127 -13.23 -14.88 0.95
CA ALA D 127 -13.01 -13.51 0.57
C ALA D 127 -13.01 -12.65 1.83
N ASN D 128 -13.98 -12.84 2.71
CA ASN D 128 -13.92 -12.22 4.03
C ASN D 128 -12.58 -12.33 4.69
N MET D 129 -11.86 -13.40 4.39
CA MET D 129 -10.50 -13.55 4.85
C MET D 129 -9.50 -12.60 4.15
N ILE D 130 -9.56 -12.57 2.84
CA ILE D 130 -8.79 -11.60 2.09
C ILE D 130 -9.12 -10.12 2.36
N LYS D 131 -10.37 -9.79 2.68
CA LYS D 131 -10.84 -8.41 2.87
C LYS D 131 -10.09 -7.62 3.92
N GLY D 132 -9.54 -6.49 3.47
CA GLY D 132 -8.89 -5.50 4.30
C GLY D 132 -7.56 -5.90 4.89
N LYS D 133 -6.80 -6.74 4.19
CA LYS D 133 -5.46 -7.14 4.66
C LYS D 133 -4.40 -6.52 3.75
N THR D 134 -3.12 -6.68 4.07
CA THR D 134 -2.06 -6.22 3.18
C THR D 134 -1.59 -7.40 2.33
N PRO D 135 -0.95 -7.12 1.19
CA PRO D 135 -0.36 -8.21 0.47
C PRO D 135 0.42 -9.09 1.41
N GLU D 136 1.40 -8.55 2.09
CA GLU D 136 2.17 -9.36 3.03
C GLU D 136 1.21 -10.21 3.84
N GLU D 137 0.22 -9.58 4.47
CA GLU D 137 -0.75 -10.25 5.34
C GLU D 137 -1.62 -11.32 4.72
N ILE D 138 -2.17 -11.03 3.57
CA ILE D 138 -3.00 -12.05 2.98
C ILE D 138 -2.10 -13.22 2.58
N ARG D 139 -0.93 -12.92 2.03
CA ARG D 139 0.01 -13.93 1.59
C ARG D 139 0.44 -14.77 2.78
N LYS D 140 0.50 -14.12 3.94
CA LYS D 140 0.81 -14.75 5.20
C LYS D 140 -0.36 -15.67 5.42
N THR D 141 -1.55 -15.13 5.67
CA THR D 141 -2.68 -15.96 6.10
C THR D 141 -3.08 -17.06 5.12
N PHE D 142 -2.68 -16.93 3.87
CA PHE D 142 -3.06 -17.94 2.90
C PHE D 142 -1.98 -18.90 2.56
N ASN D 143 -0.83 -18.65 3.16
CA ASN D 143 0.42 -19.35 2.88
C ASN D 143 0.70 -19.49 1.39
N ILE D 144 0.69 -18.35 0.73
CA ILE D 144 1.02 -18.24 -0.67
C ILE D 144 2.34 -17.51 -0.70
N LYS D 145 3.23 -17.93 -1.57
CA LYS D 145 4.57 -17.39 -1.55
C LYS D 145 4.70 -16.16 -2.43
N ASN D 146 5.51 -15.21 -2.00
CA ASN D 146 5.77 -14.02 -2.79
C ASN D 146 6.53 -14.22 -4.10
N ASP D 147 5.82 -14.69 -5.09
CA ASP D 147 6.18 -14.51 -6.47
C ASP D 147 7.05 -13.35 -6.97
N PHE D 148 7.18 -12.25 -6.25
CA PHE D 148 7.62 -11.00 -6.94
C PHE D 148 9.12 -10.56 -6.91
N THR D 149 9.66 -10.34 -8.13
CA THR D 149 10.97 -9.70 -8.36
C THR D 149 11.09 -8.23 -7.93
N GLU D 150 11.78 -7.44 -8.77
CA GLU D 150 11.61 -5.97 -8.99
C GLU D 150 11.19 -5.11 -7.84
N GLU D 151 10.43 -4.07 -8.22
CA GLU D 151 9.49 -3.31 -7.36
C GLU D 151 8.18 -4.08 -7.23
N GLU D 152 7.08 -3.33 -7.37
CA GLU D 152 5.75 -3.93 -7.44
C GLU D 152 4.64 -2.90 -7.95
N GLU D 153 4.49 -2.76 -9.31
CA GLU D 153 3.81 -1.60 -9.97
C GLU D 153 2.91 -0.94 -8.95
N ALA D 154 3.31 0.24 -8.47
CA ALA D 154 2.36 1.06 -7.72
C ALA D 154 1.77 2.27 -8.54
N GLN D 155 0.46 2.23 -8.83
CA GLN D 155 -0.27 3.41 -9.36
C GLN D 155 -1.33 3.88 -8.35
N VAL D 156 -1.74 5.15 -8.35
CA VAL D 156 -2.96 5.54 -7.54
C VAL D 156 -4.34 5.41 -8.22
N ARG D 157 -5.20 4.62 -7.55
CA ARG D 157 -6.50 4.15 -8.04
C ARG D 157 -6.57 3.99 -9.60
#